data_2CWF
#
_entry.id   2CWF
#
_cell.length_a   67.049
_cell.length_b   68.578
_cell.length_c   178.899
_cell.angle_alpha   90.00
_cell.angle_beta   90.00
_cell.angle_gamma   90.00
#
_symmetry.space_group_name_H-M   'P 21 21 21'
#
loop_
_entity.id
_entity.type
_entity.pdbx_description
1 polymer 'delta1-piperideine-2-carboxylate reductase'
2 non-polymer 'NADPH DIHYDRO-NICOTINAMIDE-ADENINE-DINUCLEOTIDE PHOSPHATE'
3 water water
#
_entity_poly.entity_id   1
_entity_poly.type   'polypeptide(L)'
_entity_poly.pdbx_seq_one_letter_code
;MSASHADQPTQTVSYPQLIDLLRRIFVVHGTSPEVADVLAENCASAQRDGSHSHGIFRIPGYLSSLASGWVDGKAVPVVE
DVGAAFVRVDACNGFAQPALAAARSLLIDKARSAGVAILAIRGSHHFAALWPDVEPFAEQGLVALSMVNSMTCVVPHGAR
QPLFGTNPIAFGAPRAGGEPIVFDLATSAIAHGDVQIAAREGRLLPAGMGVDRDGLPTQEPRAILDGGALLPFGGHKGSA
LSMMVELLAAGLTGGNFSFEFDWSKHPGAQTPWTGQLLIVIDPDKGAGQHFAQRSEELVRQLHGVGQERLPGDRRYLERA
RSMAHGIVIAQADLERLQELAGH
;
_entity_poly.pdbx_strand_id   A,B
#
loop_
_chem_comp.id
_chem_comp.type
_chem_comp.name
_chem_comp.formula
NDP non-polymer 'NADPH DIHYDRO-NICOTINAMIDE-ADENINE-DINUCLEOTIDE PHOSPHATE' 'C21 H30 N7 O17 P3'
#
# COMPACT_ATOMS: atom_id res chain seq x y z
N THR A 10 -0.91 -41.08 -3.32
CA THR A 10 -1.57 -39.76 -3.56
C THR A 10 -2.80 -39.92 -4.45
N GLN A 11 -3.99 -39.81 -3.86
CA GLN A 11 -5.24 -39.94 -4.60
C GLN A 11 -5.55 -38.60 -5.27
N THR A 12 -6.47 -38.62 -6.22
CA THR A 12 -6.86 -37.40 -6.93
C THR A 12 -8.36 -37.14 -6.83
N VAL A 13 -8.71 -35.98 -6.28
CA VAL A 13 -10.10 -35.59 -6.12
C VAL A 13 -10.38 -34.32 -6.92
N SER A 14 -11.61 -34.17 -7.38
CA SER A 14 -11.98 -32.99 -8.16
C SER A 14 -12.21 -31.81 -7.22
N TYR A 15 -12.16 -30.61 -7.77
CA TYR A 15 -12.37 -29.39 -6.99
C TYR A 15 -13.72 -29.41 -6.28
N PRO A 16 -14.81 -29.73 -7.00
CA PRO A 16 -16.12 -29.75 -6.33
C PRO A 16 -16.23 -30.87 -5.29
N GLN A 17 -15.48 -31.95 -5.47
CA GLN A 17 -15.50 -33.06 -4.51
C GLN A 17 -14.83 -32.59 -3.22
N LEU A 18 -13.71 -31.89 -3.35
CA LEU A 18 -12.99 -31.40 -2.19
C LEU A 18 -13.86 -30.47 -1.38
N ILE A 19 -14.58 -29.58 -2.07
CA ILE A 19 -15.47 -28.64 -1.41
C ILE A 19 -16.50 -29.39 -0.58
N ASP A 20 -17.19 -30.33 -1.22
CA ASP A 20 -18.22 -31.12 -0.54
C ASP A 20 -17.66 -31.82 0.68
N LEU A 21 -16.45 -32.35 0.57
CA LEU A 21 -15.81 -33.05 1.68
C LEU A 21 -15.49 -32.11 2.83
N LEU A 22 -14.92 -30.95 2.52
CA LEU A 22 -14.58 -29.98 3.57
C LEU A 22 -15.85 -29.42 4.20
N ARG A 23 -16.89 -29.20 3.40
CA ARG A 23 -18.13 -28.66 3.93
C ARG A 23 -18.69 -29.61 5.00
N ARG A 24 -18.60 -30.91 4.72
CA ARG A 24 -19.09 -31.90 5.67
C ARG A 24 -18.30 -31.82 6.97
N ILE A 25 -16.98 -31.68 6.84
CA ILE A 25 -16.11 -31.58 8.00
C ILE A 25 -16.51 -30.42 8.90
N PHE A 26 -16.78 -29.27 8.30
CA PHE A 26 -17.16 -28.08 9.06
C PHE A 26 -18.51 -28.26 9.74
N VAL A 27 -19.49 -28.79 9.01
CA VAL A 27 -20.82 -29.00 9.59
C VAL A 27 -20.73 -30.00 10.73
N VAL A 28 -19.93 -31.04 10.54
CA VAL A 28 -19.74 -32.06 11.57
C VAL A 28 -19.11 -31.45 12.82
N HIS A 29 -18.29 -30.41 12.62
CA HIS A 29 -17.64 -29.78 13.76
C HIS A 29 -18.31 -28.52 14.29
N GLY A 30 -19.61 -28.40 14.05
CA GLY A 30 -20.37 -27.28 14.59
C GLY A 30 -20.58 -25.98 13.84
N THR A 31 -20.14 -25.86 12.59
CA THR A 31 -20.37 -24.61 11.87
C THR A 31 -21.75 -24.66 11.26
N SER A 32 -22.31 -23.50 10.93
CA SER A 32 -23.62 -23.44 10.31
C SER A 32 -23.42 -23.88 8.87
N PRO A 33 -24.49 -24.32 8.19
CA PRO A 33 -24.34 -24.76 6.81
C PRO A 33 -23.76 -23.65 5.93
N GLU A 34 -24.20 -22.42 6.19
CA GLU A 34 -23.74 -21.25 5.44
C GLU A 34 -22.24 -21.04 5.59
N VAL A 35 -21.76 -21.08 6.84
CA VAL A 35 -20.34 -20.90 7.10
C VAL A 35 -19.55 -22.04 6.46
N ALA A 36 -20.08 -23.25 6.56
CA ALA A 36 -19.43 -24.42 6.00
C ALA A 36 -19.22 -24.24 4.49
N ASP A 37 -20.24 -23.74 3.80
CA ASP A 37 -20.13 -23.53 2.35
C ASP A 37 -19.01 -22.56 2.01
N VAL A 38 -19.00 -21.43 2.72
CA VAL A 38 -18.00 -20.39 2.50
C VAL A 38 -16.57 -20.86 2.77
N LEU A 39 -16.35 -21.47 3.93
CA LEU A 39 -15.02 -21.94 4.28
C LEU A 39 -14.55 -23.09 3.39
N ALA A 40 -15.46 -24.00 3.05
CA ALA A 40 -15.12 -25.14 2.21
C ALA A 40 -14.60 -24.66 0.85
N GLU A 41 -15.34 -23.76 0.22
CA GLU A 41 -14.93 -23.24 -1.09
C GLU A 41 -13.61 -22.48 -0.98
N ASN A 42 -13.47 -21.69 0.07
CA ASN A 42 -12.24 -20.92 0.27
C ASN A 42 -11.03 -21.84 0.42
N CYS A 43 -11.12 -22.79 1.34
CA CYS A 43 -10.02 -23.72 1.59
C CYS A 43 -9.73 -24.57 0.35
N ALA A 44 -10.78 -25.10 -0.27
CA ALA A 44 -10.61 -25.93 -1.47
C ALA A 44 -9.98 -25.10 -2.59
N SER A 45 -10.37 -23.83 -2.70
CA SER A 45 -9.83 -22.95 -3.72
C SER A 45 -8.32 -22.78 -3.54
N ALA A 46 -7.89 -22.66 -2.29
CA ALA A 46 -6.48 -22.51 -2.00
C ALA A 46 -5.73 -23.77 -2.44
N GLN A 47 -6.29 -24.94 -2.12
CA GLN A 47 -5.66 -26.21 -2.48
C GLN A 47 -5.59 -26.30 -4.00
N ARG A 48 -6.67 -25.91 -4.65
CA ARG A 48 -6.77 -25.93 -6.11
C ARG A 48 -5.66 -25.11 -6.77
N ASP A 49 -5.36 -23.95 -6.20
CA ASP A 49 -4.34 -23.05 -6.73
C ASP A 49 -2.90 -23.38 -6.32
N GLY A 50 -2.74 -24.38 -5.47
CA GLY A 50 -1.40 -24.76 -5.04
C GLY A 50 -0.92 -23.99 -3.82
N SER A 51 -1.82 -23.24 -3.18
CA SER A 51 -1.48 -22.47 -1.98
C SER A 51 -1.63 -23.41 -0.78
N HIS A 52 -0.81 -24.46 -0.77
CA HIS A 52 -0.82 -25.47 0.27
C HIS A 52 -0.79 -24.95 1.70
N SER A 53 -0.21 -23.78 1.92
CA SER A 53 -0.14 -23.20 3.25
C SER A 53 -1.51 -22.77 3.76
N HIS A 54 -2.43 -22.54 2.83
CA HIS A 54 -3.78 -22.11 3.17
C HIS A 54 -4.85 -23.08 2.71
N GLY A 55 -4.41 -24.25 2.26
CA GLY A 55 -5.33 -25.27 1.79
C GLY A 55 -5.76 -26.20 2.91
N ILE A 56 -5.88 -27.49 2.62
CA ILE A 56 -6.30 -28.46 3.61
C ILE A 56 -5.39 -28.51 4.83
N PHE A 57 -4.19 -27.98 4.68
CA PHE A 57 -3.21 -27.94 5.77
C PHE A 57 -3.78 -27.18 6.97
N ARG A 58 -4.71 -26.26 6.70
CA ARG A 58 -5.31 -25.43 7.74
C ARG A 58 -6.50 -26.04 8.47
N ILE A 59 -6.99 -27.18 7.98
CA ILE A 59 -8.15 -27.82 8.62
C ILE A 59 -7.95 -28.07 10.10
N PRO A 60 -6.82 -28.69 10.50
CA PRO A 60 -6.61 -28.93 11.93
C PRO A 60 -6.75 -27.65 12.75
N GLY A 61 -6.16 -26.57 12.25
CA GLY A 61 -6.23 -25.28 12.93
C GLY A 61 -7.64 -24.74 12.99
N TYR A 62 -8.40 -24.93 11.92
CA TYR A 62 -9.79 -24.46 11.90
C TYR A 62 -10.58 -25.18 12.99
N LEU A 63 -10.46 -26.50 13.00
CA LEU A 63 -11.20 -27.32 13.96
C LEU A 63 -10.78 -27.10 15.41
N SER A 64 -9.49 -26.92 15.66
CA SER A 64 -9.02 -26.70 17.02
C SER A 64 -9.54 -25.36 17.53
N SER A 65 -9.62 -24.38 16.63
CA SER A 65 -10.10 -23.05 17.00
C SER A 65 -11.60 -23.09 17.31
N LEU A 66 -12.35 -23.87 16.53
CA LEU A 66 -13.79 -23.99 16.74
C LEU A 66 -14.13 -24.75 18.02
N ALA A 67 -13.35 -25.79 18.30
CA ALA A 67 -13.57 -26.63 19.48
C ALA A 67 -13.74 -25.89 20.80
N SER A 68 -12.89 -24.89 21.04
CA SER A 68 -12.95 -24.13 22.27
C SER A 68 -13.99 -23.01 22.27
N GLY A 69 -14.56 -22.73 21.11
CA GLY A 69 -15.53 -21.65 21.02
C GLY A 69 -14.82 -20.34 20.75
N TRP A 70 -13.49 -20.38 20.66
CA TRP A 70 -12.69 -19.18 20.39
C TRP A 70 -13.27 -18.42 19.20
N VAL A 71 -13.70 -19.16 18.19
CA VAL A 71 -14.34 -18.59 17.01
C VAL A 71 -15.71 -19.24 16.91
N ASP A 72 -16.73 -18.44 16.60
CA ASP A 72 -18.10 -18.94 16.50
C ASP A 72 -18.44 -19.40 15.08
N GLY A 73 -18.51 -20.71 14.89
CA GLY A 73 -18.83 -21.26 13.59
C GLY A 73 -20.26 -21.04 13.14
N LYS A 74 -21.10 -20.53 14.05
CA LYS A 74 -22.50 -20.27 13.72
C LYS A 74 -22.85 -18.80 13.79
N ALA A 75 -21.82 -17.95 13.84
CA ALA A 75 -22.03 -16.51 13.90
C ALA A 75 -22.85 -16.00 12.72
N VAL A 76 -23.71 -15.02 12.98
CA VAL A 76 -24.52 -14.42 11.93
C VAL A 76 -24.05 -12.98 11.75
N PRO A 77 -23.36 -12.71 10.63
CA PRO A 77 -22.87 -11.35 10.37
C PRO A 77 -23.98 -10.31 10.41
N VAL A 78 -23.67 -9.13 10.94
CA VAL A 78 -24.63 -8.05 11.00
C VAL A 78 -24.11 -6.94 10.10
N VAL A 79 -24.80 -6.73 8.98
CA VAL A 79 -24.41 -5.71 8.01
C VAL A 79 -25.00 -4.35 8.36
N GLU A 80 -24.14 -3.34 8.38
CA GLU A 80 -24.55 -1.98 8.71
C GLU A 80 -24.29 -1.05 7.52
N ASP A 81 -25.36 -0.57 6.90
CA ASP A 81 -25.27 0.34 5.76
C ASP A 81 -25.16 1.73 6.39
N VAL A 82 -23.94 2.25 6.47
CA VAL A 82 -23.72 3.54 7.12
C VAL A 82 -23.36 4.72 6.24
N GLY A 83 -23.30 4.52 4.93
CA GLY A 83 -22.97 5.60 4.03
C GLY A 83 -23.15 5.21 2.58
N ALA A 84 -23.28 6.20 1.72
CA ALA A 84 -23.45 5.92 0.29
C ALA A 84 -22.31 5.04 -0.21
N ALA A 85 -21.14 5.16 0.42
CA ALA A 85 -19.97 4.38 0.01
C ALA A 85 -19.31 3.70 1.20
N PHE A 86 -20.07 3.40 2.25
CA PHE A 86 -19.47 2.81 3.42
C PHE A 86 -20.35 1.74 4.05
N VAL A 87 -19.79 0.55 4.23
CA VAL A 87 -20.51 -0.56 4.83
C VAL A 87 -19.66 -1.14 5.96
N ARG A 88 -20.29 -1.42 7.10
CA ARG A 88 -19.60 -2.04 8.21
C ARG A 88 -20.29 -3.37 8.46
N VAL A 89 -19.54 -4.34 8.95
CA VAL A 89 -20.12 -5.64 9.25
C VAL A 89 -19.51 -6.15 10.53
N ASP A 90 -20.38 -6.53 11.47
CA ASP A 90 -19.92 -7.10 12.73
C ASP A 90 -19.88 -8.59 12.44
N ALA A 91 -18.69 -9.18 12.46
CA ALA A 91 -18.55 -10.60 12.18
C ALA A 91 -19.04 -11.45 13.37
N CYS A 92 -19.31 -10.78 14.48
CA CYS A 92 -19.82 -11.44 15.69
C CYS A 92 -18.99 -12.65 16.13
N ASN A 93 -17.68 -12.46 16.17
CA ASN A 93 -16.72 -13.48 16.58
C ASN A 93 -16.67 -14.68 15.63
N GLY A 94 -17.20 -14.49 14.43
CA GLY A 94 -17.17 -15.56 13.45
C GLY A 94 -16.04 -15.32 12.48
N PHE A 95 -15.97 -16.13 11.43
CA PHE A 95 -14.92 -15.98 10.43
C PHE A 95 -15.17 -14.74 9.57
N ALA A 96 -14.10 -14.22 8.96
CA ALA A 96 -14.19 -13.03 8.14
C ALA A 96 -14.90 -13.26 6.81
N GLN A 97 -14.64 -14.40 6.17
CA GLN A 97 -15.23 -14.70 4.87
C GLN A 97 -16.76 -14.66 4.85
N PRO A 98 -17.42 -15.24 5.87
CA PRO A 98 -18.89 -15.21 5.85
C PRO A 98 -19.41 -13.78 5.98
N ALA A 99 -18.66 -12.94 6.71
CA ALA A 99 -19.04 -11.55 6.91
C ALA A 99 -18.92 -10.78 5.60
N LEU A 100 -17.83 -11.05 4.87
CA LEU A 100 -17.61 -10.40 3.58
C LEU A 100 -18.73 -10.82 2.61
N ALA A 101 -19.03 -12.11 2.57
CA ALA A 101 -20.06 -12.61 1.68
C ALA A 101 -21.43 -11.99 1.97
N ALA A 102 -21.72 -11.77 3.25
CA ALA A 102 -23.00 -11.19 3.64
C ALA A 102 -23.19 -9.77 3.13
N ALA A 103 -22.10 -9.02 3.04
CA ALA A 103 -22.18 -7.63 2.60
C ALA A 103 -21.68 -7.38 1.19
N ARG A 104 -21.21 -8.42 0.51
CA ARG A 104 -20.67 -8.29 -0.84
C ARG A 104 -21.57 -7.61 -1.88
N SER A 105 -22.82 -8.07 -1.99
CA SER A 105 -23.73 -7.49 -2.98
C SER A 105 -23.95 -6.00 -2.73
N LEU A 106 -24.15 -5.64 -1.46
CA LEU A 106 -24.35 -4.24 -1.12
C LEU A 106 -23.10 -3.41 -1.43
N LEU A 107 -21.94 -3.99 -1.13
CA LEU A 107 -20.66 -3.33 -1.37
C LEU A 107 -20.47 -3.04 -2.85
N ILE A 108 -20.75 -4.02 -3.69
CA ILE A 108 -20.61 -3.88 -5.13
C ILE A 108 -21.60 -2.84 -5.66
N ASP A 109 -22.82 -2.84 -5.14
CA ASP A 109 -23.82 -1.86 -5.58
C ASP A 109 -23.30 -0.45 -5.30
N LYS A 110 -22.76 -0.25 -4.11
CA LYS A 110 -22.24 1.07 -3.73
C LYS A 110 -21.02 1.46 -4.57
N ALA A 111 -20.10 0.53 -4.76
CA ALA A 111 -18.91 0.80 -5.55
C ALA A 111 -19.26 1.23 -6.96
N ARG A 112 -20.20 0.53 -7.59
CA ARG A 112 -20.59 0.88 -8.95
C ARG A 112 -21.36 2.20 -9.02
N SER A 113 -22.15 2.48 -7.99
CA SER A 113 -22.95 3.70 -7.94
C SER A 113 -22.16 4.93 -7.55
N ALA A 114 -21.52 4.88 -6.38
CA ALA A 114 -20.74 5.99 -5.88
C ALA A 114 -19.35 6.08 -6.54
N GLY A 115 -18.86 4.95 -7.04
CA GLY A 115 -17.56 4.94 -7.68
C GLY A 115 -16.52 4.20 -6.86
N VAL A 116 -16.72 4.18 -5.54
CA VAL A 116 -15.82 3.50 -4.62
C VAL A 116 -16.65 3.20 -3.38
N ALA A 117 -16.27 2.16 -2.65
CA ALA A 117 -16.98 1.81 -1.42
C ALA A 117 -16.05 1.05 -0.50
N ILE A 118 -16.29 1.21 0.80
CA ILE A 118 -15.49 0.55 1.81
C ILE A 118 -16.32 -0.45 2.60
N LEU A 119 -15.68 -1.56 2.97
CA LEU A 119 -16.30 -2.57 3.80
C LEU A 119 -15.35 -2.70 4.98
N ALA A 120 -15.86 -2.40 6.17
CA ALA A 120 -15.03 -2.48 7.37
C ALA A 120 -15.58 -3.60 8.25
N ILE A 121 -14.88 -4.72 8.27
CA ILE A 121 -15.29 -5.88 9.06
C ILE A 121 -14.60 -5.85 10.42
N ARG A 122 -15.38 -6.05 11.48
CA ARG A 122 -14.82 -6.07 12.83
C ARG A 122 -15.22 -7.36 13.59
N GLY A 123 -14.39 -7.75 14.54
CA GLY A 123 -14.65 -8.94 15.34
C GLY A 123 -14.63 -10.24 14.55
N SER A 124 -13.73 -10.30 13.56
CA SER A 124 -13.62 -11.46 12.69
C SER A 124 -12.32 -12.26 12.84
N HIS A 125 -12.40 -13.53 12.42
CA HIS A 125 -11.27 -14.44 12.46
C HIS A 125 -10.93 -14.78 11.01
N HIS A 126 -9.72 -14.46 10.56
CA HIS A 126 -9.31 -14.74 9.19
C HIS A 126 -8.15 -15.74 9.26
N PHE A 127 -8.38 -16.94 8.75
CA PHE A 127 -7.39 -18.01 8.80
C PHE A 127 -7.03 -18.49 7.40
N ALA A 128 -7.07 -17.58 6.43
CA ALA A 128 -6.79 -17.96 5.05
C ALA A 128 -5.98 -16.92 4.30
N ALA A 129 -5.81 -17.16 3.00
CA ALA A 129 -5.10 -16.23 2.15
C ALA A 129 -6.06 -15.08 1.87
N LEU A 130 -5.53 -13.95 1.41
CA LEU A 130 -6.36 -12.79 1.10
C LEU A 130 -6.75 -12.69 -0.38
N TRP A 131 -5.99 -13.34 -1.27
CA TRP A 131 -6.35 -13.25 -2.67
C TRP A 131 -7.77 -13.74 -2.98
N PRO A 132 -8.29 -14.72 -2.20
CA PRO A 132 -9.66 -15.16 -2.50
C PRO A 132 -10.67 -14.05 -2.24
N ASP A 133 -10.29 -13.09 -1.39
CA ASP A 133 -11.18 -11.98 -1.03
C ASP A 133 -11.24 -10.89 -2.09
N VAL A 134 -10.12 -10.63 -2.76
CA VAL A 134 -10.10 -9.57 -3.76
C VAL A 134 -10.31 -10.04 -5.20
N GLU A 135 -9.92 -11.27 -5.50
CA GLU A 135 -10.06 -11.80 -6.86
C GLU A 135 -11.47 -11.68 -7.46
N PRO A 136 -12.51 -12.06 -6.71
CA PRO A 136 -13.88 -11.98 -7.23
C PRO A 136 -14.29 -10.59 -7.71
N PHE A 137 -13.82 -9.56 -7.01
CA PHE A 137 -14.15 -8.19 -7.40
C PHE A 137 -13.52 -7.85 -8.74
N ALA A 138 -12.27 -8.26 -8.94
CA ALA A 138 -11.56 -8.01 -10.19
C ALA A 138 -12.20 -8.79 -11.33
N GLU A 139 -12.71 -9.98 -11.03
CA GLU A 139 -13.36 -10.80 -12.03
C GLU A 139 -14.59 -10.05 -12.54
N GLN A 140 -15.11 -9.16 -11.71
CA GLN A 140 -16.27 -8.37 -12.06
C GLN A 140 -15.92 -6.98 -12.58
N GLY A 141 -14.65 -6.79 -12.92
CA GLY A 141 -14.20 -5.51 -13.46
C GLY A 141 -13.90 -4.40 -12.47
N LEU A 142 -13.90 -4.73 -11.18
CA LEU A 142 -13.62 -3.74 -10.15
C LEU A 142 -12.21 -3.92 -9.59
N VAL A 143 -11.65 -2.87 -9.00
CA VAL A 143 -10.33 -2.95 -8.40
C VAL A 143 -10.55 -3.09 -6.89
N ALA A 144 -9.80 -3.97 -6.24
CA ALA A 144 -9.99 -4.15 -4.80
C ALA A 144 -8.67 -4.21 -4.04
N LEU A 145 -8.65 -3.54 -2.89
CA LEU A 145 -7.49 -3.51 -2.03
C LEU A 145 -7.96 -3.94 -0.65
N SER A 146 -7.25 -4.88 -0.04
CA SER A 146 -7.66 -5.36 1.28
C SER A 146 -6.49 -5.48 2.25
N MET A 147 -6.79 -5.27 3.53
CA MET A 147 -5.79 -5.37 4.58
C MET A 147 -6.42 -6.10 5.77
N VAL A 148 -5.63 -6.96 6.40
CA VAL A 148 -6.07 -7.73 7.57
C VAL A 148 -4.92 -7.74 8.56
N ASN A 149 -5.17 -7.39 9.82
CA ASN A 149 -4.10 -7.45 10.82
C ASN A 149 -4.28 -8.79 11.50
N SER A 150 -3.18 -9.38 11.96
CA SER A 150 -3.25 -10.69 12.59
C SER A 150 -2.90 -10.73 14.06
N MET A 151 -1.83 -11.44 14.40
CA MET A 151 -1.44 -11.57 15.80
C MET A 151 0.00 -11.16 16.07
N THR A 152 0.21 -10.47 17.17
CA THR A 152 1.52 -9.97 17.54
C THR A 152 2.69 -10.94 17.38
N CYS A 153 3.65 -10.57 16.53
CA CYS A 153 4.84 -11.38 16.33
C CYS A 153 5.91 -10.64 15.51
N VAL A 154 5.58 -9.43 15.05
CA VAL A 154 6.51 -8.65 14.25
C VAL A 154 7.04 -7.43 15.02
N VAL A 155 8.36 -7.29 15.03
CA VAL A 155 9.00 -6.18 15.72
C VAL A 155 9.03 -4.93 14.84
N PRO A 156 8.35 -3.85 15.28
CA PRO A 156 8.34 -2.62 14.49
C PRO A 156 9.79 -2.19 14.28
N HIS A 157 10.09 -1.58 13.14
CA HIS A 157 11.45 -1.17 12.84
C HIS A 157 12.05 -0.30 13.95
N GLY A 158 13.20 -0.73 14.47
CA GLY A 158 13.86 0.03 15.52
C GLY A 158 13.38 -0.28 16.92
N ALA A 159 12.35 -1.12 17.04
CA ALA A 159 11.80 -1.48 18.34
C ALA A 159 12.54 -2.67 18.96
N ARG A 160 12.21 -2.99 20.20
CA ARG A 160 12.87 -4.09 20.91
C ARG A 160 11.98 -5.32 21.04
N GLN A 161 10.67 -5.12 20.95
CA GLN A 161 9.73 -6.23 21.09
C GLN A 161 8.67 -6.27 20.00
N PRO A 162 8.08 -7.46 19.76
CA PRO A 162 7.04 -7.59 18.73
C PRO A 162 5.77 -6.83 19.11
N LEU A 163 5.03 -6.38 18.11
CA LEU A 163 3.79 -5.67 18.34
C LEU A 163 2.79 -5.89 17.20
N PHE A 164 3.26 -5.72 15.96
CA PHE A 164 2.38 -5.90 14.80
C PHE A 164 2.18 -7.37 14.48
N GLY A 165 1.13 -7.64 13.71
CA GLY A 165 0.87 -9.01 13.28
C GLY A 165 1.61 -9.12 11.95
N THR A 166 1.49 -10.25 11.26
CA THR A 166 2.15 -10.41 9.97
C THR A 166 1.46 -9.51 8.93
N ASN A 167 0.30 -9.00 9.33
CA ASN A 167 -0.49 -8.04 8.56
C ASN A 167 -0.38 -8.00 7.03
N PRO A 168 -1.05 -8.93 6.35
CA PRO A 168 -1.00 -8.96 4.88
C PRO A 168 -1.84 -7.90 4.17
N ILE A 169 -1.45 -7.63 2.93
CA ILE A 169 -2.14 -6.70 2.05
C ILE A 169 -2.36 -7.41 0.73
N ALA A 170 -3.57 -7.33 0.19
CA ALA A 170 -3.88 -7.97 -1.10
C ALA A 170 -4.45 -6.94 -2.07
N PHE A 171 -4.18 -7.14 -3.35
CA PHE A 171 -4.67 -6.22 -4.38
C PHE A 171 -5.11 -7.00 -5.61
N GLY A 172 -6.25 -6.62 -6.16
CA GLY A 172 -6.77 -7.29 -7.34
C GLY A 172 -7.28 -6.30 -8.38
N ALA A 173 -6.89 -6.48 -9.63
CA ALA A 173 -7.32 -5.59 -10.70
C ALA A 173 -7.58 -6.37 -11.98
N PRO A 174 -8.62 -5.99 -12.72
CA PRO A 174 -8.94 -6.70 -13.96
C PRO A 174 -8.00 -6.33 -15.11
N ARG A 175 -7.90 -7.24 -16.08
CA ARG A 175 -7.10 -7.01 -17.28
C ARG A 175 -7.92 -7.56 -18.44
N ALA A 176 -7.90 -6.87 -19.57
CA ALA A 176 -8.67 -7.26 -20.74
C ALA A 176 -8.33 -8.63 -21.34
N GLY A 177 -7.07 -9.01 -21.28
CA GLY A 177 -6.67 -10.29 -21.89
C GLY A 177 -6.32 -11.44 -20.98
N GLY A 178 -6.90 -11.48 -19.78
CA GLY A 178 -6.58 -12.58 -18.90
C GLY A 178 -7.24 -12.52 -17.54
N GLU A 179 -6.81 -13.43 -16.67
CA GLU A 179 -7.31 -13.50 -15.31
C GLU A 179 -6.81 -12.28 -14.54
N PRO A 180 -7.49 -11.92 -13.45
CA PRO A 180 -7.10 -10.74 -12.65
C PRO A 180 -5.64 -10.68 -12.21
N ILE A 181 -5.09 -9.47 -12.20
CA ILE A 181 -3.73 -9.26 -11.73
C ILE A 181 -3.96 -9.21 -10.23
N VAL A 182 -3.35 -10.13 -9.50
CA VAL A 182 -3.55 -10.17 -8.05
C VAL A 182 -2.29 -10.47 -7.25
N PHE A 183 -2.03 -9.67 -6.22
CA PHE A 183 -0.90 -9.93 -5.35
C PHE A 183 -1.45 -10.00 -3.93
N ASP A 184 -0.78 -10.79 -3.09
CA ASP A 184 -1.22 -11.02 -1.72
C ASP A 184 0.07 -11.26 -0.95
N LEU A 185 0.41 -10.32 -0.07
CA LEU A 185 1.66 -10.41 0.68
C LEU A 185 1.57 -10.02 2.15
N ALA A 186 2.31 -10.75 2.98
CA ALA A 186 2.36 -10.42 4.40
C ALA A 186 3.35 -9.27 4.45
N THR A 187 3.20 -8.37 5.42
CA THR A 187 4.15 -7.27 5.52
C THR A 187 5.35 -7.70 6.35
N SER A 188 5.27 -8.91 6.90
CA SER A 188 6.38 -9.47 7.67
C SER A 188 7.34 -10.00 6.61
N ALA A 189 8.61 -10.18 6.98
CA ALA A 189 9.62 -10.66 6.05
C ALA A 189 9.30 -12.06 5.52
N ILE A 190 8.57 -12.82 6.33
CA ILE A 190 8.17 -14.18 5.97
C ILE A 190 6.85 -14.45 6.70
N ALA A 191 6.05 -15.35 6.16
CA ALA A 191 4.77 -15.71 6.77
C ALA A 191 5.04 -16.69 7.90
N HIS A 192 4.25 -16.61 8.96
CA HIS A 192 4.45 -17.48 10.12
C HIS A 192 4.39 -18.96 9.75
N GLY A 193 3.42 -19.33 8.90
CA GLY A 193 3.29 -20.71 8.49
C GLY A 193 4.55 -21.28 7.86
N ASP A 194 5.29 -20.44 7.12
CA ASP A 194 6.51 -20.89 6.48
C ASP A 194 7.65 -21.08 7.46
N VAL A 195 7.55 -20.41 8.61
CA VAL A 195 8.57 -20.54 9.64
C VAL A 195 8.38 -21.92 10.28
N GLN A 196 7.12 -22.33 10.41
CA GLN A 196 6.81 -23.63 10.99
C GLN A 196 7.32 -24.73 10.07
N ILE A 197 7.11 -24.55 8.77
CA ILE A 197 7.56 -25.53 7.79
C ILE A 197 9.08 -25.71 7.83
N ALA A 198 9.80 -24.59 7.81
CA ALA A 198 11.26 -24.63 7.85
C ALA A 198 11.69 -25.36 9.12
N ALA A 199 10.96 -25.13 10.21
CA ALA A 199 11.27 -25.78 11.47
C ALA A 199 11.12 -27.29 11.34
N ARG A 200 10.01 -27.72 10.73
CA ARG A 200 9.74 -29.14 10.54
C ARG A 200 10.71 -29.80 9.58
N GLU A 201 11.09 -29.09 8.53
CA GLU A 201 12.01 -29.63 7.54
C GLU A 201 13.46 -29.46 7.96
N GLY A 202 13.68 -28.89 9.14
CA GLY A 202 15.04 -28.69 9.63
C GLY A 202 15.82 -27.78 8.70
N ARG A 203 15.13 -26.81 8.12
CA ARG A 203 15.74 -25.85 7.19
C ARG A 203 16.03 -24.54 7.92
N LEU A 204 17.13 -23.88 7.55
CA LEU A 204 17.47 -22.60 8.15
C LEU A 204 16.82 -21.54 7.27
N LEU A 205 16.63 -20.34 7.82
CA LEU A 205 16.04 -19.25 7.05
C LEU A 205 17.12 -18.27 6.68
N PRO A 206 16.92 -17.53 5.57
CA PRO A 206 17.94 -16.57 5.20
C PRO A 206 17.97 -15.49 6.28
N ALA A 207 19.05 -14.71 6.31
CA ALA A 207 19.17 -13.64 7.30
C ALA A 207 18.06 -12.61 7.14
N GLY A 208 17.69 -11.97 8.25
CA GLY A 208 16.68 -10.93 8.23
C GLY A 208 15.21 -11.31 8.36
N MET A 209 14.90 -12.57 8.63
CA MET A 209 13.50 -12.96 8.76
C MET A 209 12.98 -12.77 10.18
N GLY A 210 13.83 -13.01 11.17
CA GLY A 210 13.39 -12.86 12.55
C GLY A 210 14.50 -12.84 13.59
N VAL A 211 14.10 -12.84 14.86
CA VAL A 211 15.04 -12.81 15.97
C VAL A 211 14.64 -13.84 17.03
N ASP A 212 15.57 -14.17 17.93
CA ASP A 212 15.27 -15.13 18.98
C ASP A 212 14.59 -14.43 20.15
N ARG A 213 14.37 -15.17 21.24
CA ARG A 213 13.71 -14.62 22.42
C ARG A 213 14.50 -13.50 23.09
N ASP A 214 15.79 -13.39 22.77
CA ASP A 214 16.62 -12.35 23.35
C ASP A 214 16.71 -11.16 22.41
N GLY A 215 15.98 -11.23 21.30
CA GLY A 215 15.99 -10.15 20.34
C GLY A 215 17.18 -10.17 19.39
N LEU A 216 17.96 -11.24 19.43
CA LEU A 216 19.13 -11.37 18.57
C LEU A 216 18.81 -11.99 17.23
N PRO A 217 19.45 -11.48 16.14
CA PRO A 217 19.18 -12.04 14.82
C PRO A 217 19.42 -13.55 14.82
N THR A 218 18.57 -14.29 14.13
CA THR A 218 18.71 -15.74 14.05
C THR A 218 18.21 -16.28 12.72
N GLN A 219 18.75 -17.42 12.31
CA GLN A 219 18.35 -18.09 11.08
C GLN A 219 17.61 -19.37 11.45
N GLU A 220 17.63 -19.70 12.74
CA GLU A 220 16.96 -20.88 13.25
C GLU A 220 15.46 -20.65 13.41
N PRO A 221 14.64 -21.30 12.59
CA PRO A 221 13.18 -21.09 12.71
C PRO A 221 12.66 -21.50 14.08
N ARG A 222 13.32 -22.47 14.71
CA ARG A 222 12.91 -22.93 16.04
C ARG A 222 13.12 -21.83 17.07
N ALA A 223 14.16 -21.04 16.88
CA ALA A 223 14.46 -19.95 17.79
C ALA A 223 13.42 -18.84 17.64
N ILE A 224 12.89 -18.69 16.43
CA ILE A 224 11.87 -17.67 16.19
C ILE A 224 10.57 -18.11 16.85
N LEU A 225 10.26 -19.40 16.73
CA LEU A 225 9.05 -19.96 17.31
C LEU A 225 9.13 -20.08 18.82
N ASP A 226 10.35 -20.28 19.34
CA ASP A 226 10.54 -20.43 20.79
C ASP A 226 10.66 -19.08 21.50
N GLY A 227 9.61 -18.27 21.40
CA GLY A 227 9.61 -16.97 22.06
C GLY A 227 10.26 -15.86 21.25
N GLY A 228 10.64 -16.18 20.01
CA GLY A 228 11.26 -15.17 19.16
C GLY A 228 10.22 -14.32 18.46
N ALA A 229 10.62 -13.66 17.39
CA ALA A 229 9.70 -12.80 16.65
C ALA A 229 10.15 -12.63 15.21
N LEU A 230 9.28 -12.05 14.40
CA LEU A 230 9.59 -11.82 13.00
C LEU A 230 9.90 -10.35 12.76
N LEU A 231 10.55 -10.07 11.63
CA LEU A 231 10.89 -8.70 11.27
C LEU A 231 10.05 -8.30 10.07
N PRO A 232 9.82 -7.00 9.89
CA PRO A 232 9.03 -6.51 8.75
C PRO A 232 9.85 -6.60 7.46
N PHE A 233 9.18 -6.78 6.34
CA PHE A 233 9.89 -6.86 5.08
C PHE A 233 10.35 -5.46 4.68
N GLY A 234 11.49 -5.36 4.01
CA GLY A 234 11.97 -4.05 3.59
C GLY A 234 12.23 -3.04 4.69
N GLY A 235 12.66 -3.52 5.85
CA GLY A 235 12.97 -2.63 6.96
C GLY A 235 11.91 -1.61 7.34
N HIS A 236 12.33 -0.34 7.45
CA HIS A 236 11.42 0.72 7.85
C HIS A 236 10.22 0.92 6.95
N LYS A 237 10.36 0.58 5.67
CA LYS A 237 9.25 0.75 4.73
C LYS A 237 8.16 -0.29 4.94
N GLY A 238 8.54 -1.56 5.07
CA GLY A 238 7.54 -2.58 5.32
C GLY A 238 6.91 -2.36 6.69
N SER A 239 7.70 -1.84 7.63
CA SER A 239 7.23 -1.58 8.98
C SER A 239 6.14 -0.49 8.97
N ALA A 240 6.33 0.52 8.14
CA ALA A 240 5.35 1.60 8.03
C ALA A 240 4.05 1.04 7.45
N LEU A 241 4.17 0.14 6.48
CA LEU A 241 3.00 -0.48 5.87
C LEU A 241 2.27 -1.36 6.86
N SER A 242 3.03 -2.04 7.73
CA SER A 242 2.41 -2.91 8.74
C SER A 242 1.62 -2.03 9.72
N MET A 243 2.19 -0.89 10.10
CA MET A 243 1.50 0.03 11.01
C MET A 243 0.19 0.46 10.34
N MET A 244 0.25 0.74 9.05
CA MET A 244 -0.93 1.14 8.31
C MET A 244 -2.01 0.04 8.38
N VAL A 245 -1.58 -1.22 8.25
CA VAL A 245 -2.53 -2.32 8.32
C VAL A 245 -3.22 -2.38 9.69
N GLU A 246 -2.47 -2.14 10.76
CA GLU A 246 -3.08 -2.14 12.10
C GLU A 246 -4.15 -1.04 12.13
N LEU A 247 -3.77 0.15 11.69
CA LEU A 247 -4.69 1.29 11.69
C LEU A 247 -5.94 1.10 10.84
N LEU A 248 -5.79 0.47 9.68
CA LEU A 248 -6.92 0.29 8.78
C LEU A 248 -7.80 -0.93 9.04
N ALA A 249 -7.18 -2.09 9.31
CA ALA A 249 -7.93 -3.31 9.56
C ALA A 249 -8.50 -3.39 10.97
N ALA A 250 -7.92 -2.62 11.89
CA ALA A 250 -8.37 -2.63 13.28
C ALA A 250 -8.82 -1.27 13.79
N GLY A 251 -7.96 -0.26 13.68
CA GLY A 251 -8.30 1.05 14.16
C GLY A 251 -9.56 1.62 13.53
N LEU A 252 -9.66 1.48 12.21
CA LEU A 252 -10.82 1.99 11.48
C LEU A 252 -12.06 1.11 11.59
N THR A 253 -11.88 -0.21 11.56
CA THR A 253 -13.00 -1.14 11.61
C THR A 253 -13.64 -1.26 12.99
N GLY A 254 -12.82 -1.09 14.03
CA GLY A 254 -13.31 -1.23 15.40
C GLY A 254 -12.86 -2.56 15.99
N GLY A 255 -12.15 -3.36 15.20
CA GLY A 255 -11.67 -4.64 15.69
C GLY A 255 -10.42 -4.48 16.53
N ASN A 256 -9.95 -5.58 17.14
CA ASN A 256 -8.76 -5.54 17.98
C ASN A 256 -7.48 -5.34 17.18
N PHE A 257 -6.52 -4.62 17.76
CA PHE A 257 -5.22 -4.47 17.14
C PHE A 257 -4.61 -5.86 17.36
N SER A 258 -3.53 -6.17 16.65
CA SER A 258 -2.94 -7.50 16.78
C SER A 258 -2.50 -7.90 18.19
N PHE A 259 -2.32 -6.92 19.06
CA PHE A 259 -1.88 -7.17 20.43
C PHE A 259 -3.00 -7.06 21.46
N GLU A 260 -4.24 -6.90 21.01
CA GLU A 260 -5.36 -6.76 21.94
C GLU A 260 -6.22 -8.00 22.19
N PHE A 261 -5.57 -9.16 22.08
CA PHE A 261 -6.22 -10.45 22.33
C PHE A 261 -5.13 -11.48 22.50
N ASP A 262 -5.45 -12.62 23.10
CA ASP A 262 -4.47 -13.68 23.28
C ASP A 262 -5.21 -15.01 23.37
N TRP A 263 -4.46 -16.10 23.26
CA TRP A 263 -5.06 -17.44 23.29
C TRP A 263 -4.88 -18.14 24.63
N SER A 264 -4.45 -17.41 25.64
CA SER A 264 -4.20 -18.00 26.97
C SER A 264 -5.35 -18.76 27.61
N LYS A 265 -6.59 -18.41 27.28
CA LYS A 265 -7.75 -19.07 27.87
C LYS A 265 -8.45 -20.06 26.95
N HIS A 266 -7.90 -20.25 25.75
CA HIS A 266 -8.52 -21.16 24.79
C HIS A 266 -7.52 -22.14 24.18
N PRO A 267 -7.40 -23.33 24.79
CA PRO A 267 -6.47 -24.34 24.28
C PRO A 267 -6.77 -24.63 22.82
N GLY A 268 -5.72 -24.63 21.99
CA GLY A 268 -5.92 -24.93 20.58
C GLY A 268 -6.32 -23.79 19.67
N ALA A 269 -6.54 -22.60 20.22
CA ALA A 269 -6.93 -21.46 19.39
C ALA A 269 -5.77 -21.16 18.44
N GLN A 270 -6.09 -20.92 17.17
CA GLN A 270 -5.07 -20.64 16.15
C GLN A 270 -5.39 -19.43 15.30
N THR A 271 -6.57 -18.85 15.51
CA THR A 271 -7.00 -17.71 14.69
C THR A 271 -6.93 -16.35 15.36
N PRO A 272 -6.50 -15.34 14.60
CA PRO A 272 -6.46 -14.02 15.24
C PRO A 272 -7.90 -13.50 15.23
N TRP A 273 -8.26 -12.76 16.28
CA TRP A 273 -9.61 -12.21 16.41
C TRP A 273 -9.42 -10.71 16.20
N THR A 274 -9.57 -10.28 14.96
CA THR A 274 -9.33 -8.89 14.61
C THR A 274 -10.38 -8.26 13.70
N GLY A 275 -10.00 -7.97 12.45
CA GLY A 275 -10.91 -7.36 11.52
C GLY A 275 -10.35 -7.33 10.12
N GLN A 276 -11.06 -6.68 9.20
CA GLN A 276 -10.59 -6.62 7.82
C GLN A 276 -11.16 -5.42 7.09
N LEU A 277 -10.31 -4.77 6.28
CA LEU A 277 -10.76 -3.63 5.50
C LEU A 277 -10.68 -3.97 4.03
N LEU A 278 -11.70 -3.57 3.29
CA LEU A 278 -11.75 -3.79 1.86
C LEU A 278 -12.17 -2.50 1.20
N ILE A 279 -11.44 -2.10 0.16
CA ILE A 279 -11.77 -0.89 -0.60
C ILE A 279 -12.00 -1.41 -2.01
N VAL A 280 -13.20 -1.18 -2.54
CA VAL A 280 -13.55 -1.64 -3.88
C VAL A 280 -13.82 -0.41 -4.75
N ILE A 281 -13.18 -0.36 -5.92
CA ILE A 281 -13.31 0.79 -6.80
C ILE A 281 -13.74 0.45 -8.23
N ASP A 282 -14.58 1.29 -8.82
CA ASP A 282 -14.94 1.10 -10.22
C ASP A 282 -13.89 1.98 -10.87
N PRO A 283 -12.84 1.36 -11.44
CA PRO A 283 -11.78 2.14 -12.08
C PRO A 283 -12.23 3.00 -13.25
N ASP A 284 -13.34 2.65 -13.88
CA ASP A 284 -13.83 3.40 -15.03
C ASP A 284 -14.92 4.41 -14.72
N LYS A 285 -15.23 4.65 -13.45
CA LYS A 285 -16.26 5.61 -13.10
C LYS A 285 -15.88 6.98 -13.67
N GLY A 286 -16.72 7.48 -14.59
CA GLY A 286 -16.46 8.77 -15.22
C GLY A 286 -15.18 8.85 -16.04
N ALA A 287 -14.69 7.70 -16.49
CA ALA A 287 -13.44 7.65 -17.26
C ALA A 287 -13.59 7.61 -18.77
N GLY A 288 -12.70 8.34 -19.45
CA GLY A 288 -12.71 8.36 -20.90
C GLY A 288 -11.76 7.32 -21.46
N GLN A 289 -11.67 6.19 -20.76
CA GLN A 289 -10.80 5.10 -21.16
C GLN A 289 -11.28 3.82 -20.48
N HIS A 290 -10.58 2.72 -20.77
CA HIS A 290 -10.91 1.42 -20.19
C HIS A 290 -9.73 0.94 -19.36
N PHE A 291 -9.91 0.91 -18.04
CA PHE A 291 -8.86 0.47 -17.14
C PHE A 291 -8.28 -0.89 -17.56
N ALA A 292 -9.16 -1.83 -17.89
CA ALA A 292 -8.73 -3.18 -18.26
C ALA A 292 -7.81 -3.18 -19.47
N GLN A 293 -7.92 -2.17 -20.32
CA GLN A 293 -7.05 -2.09 -21.49
C GLN A 293 -5.70 -1.52 -21.04
N ARG A 294 -5.73 -0.58 -20.10
CA ARG A 294 -4.48 0.00 -19.59
C ARG A 294 -3.68 -1.09 -18.86
N SER A 295 -4.35 -1.84 -17.98
CA SER A 295 -3.65 -2.88 -17.23
C SER A 295 -3.08 -3.94 -18.18
N GLU A 296 -3.81 -4.26 -19.24
CA GLU A 296 -3.33 -5.27 -20.19
C GLU A 296 -2.04 -4.77 -20.85
N GLU A 297 -1.98 -3.48 -21.14
CA GLU A 297 -0.79 -2.90 -21.75
C GLU A 297 0.38 -2.97 -20.79
N LEU A 298 0.12 -2.75 -19.49
CA LEU A 298 1.19 -2.82 -18.50
C LEU A 298 1.75 -4.25 -18.50
N VAL A 299 0.86 -5.24 -18.60
CA VAL A 299 1.27 -6.64 -18.63
C VAL A 299 2.16 -6.87 -19.84
N ARG A 300 1.74 -6.37 -21.00
CA ARG A 300 2.52 -6.54 -22.23
C ARG A 300 3.91 -5.93 -22.07
N GLN A 301 3.97 -4.74 -21.47
CA GLN A 301 5.23 -4.07 -21.24
C GLN A 301 6.11 -4.83 -20.26
N LEU A 302 5.50 -5.42 -19.23
CA LEU A 302 6.25 -6.20 -18.25
C LEU A 302 6.89 -7.40 -18.94
N HIS A 303 6.13 -8.06 -19.81
CA HIS A 303 6.68 -9.20 -20.55
C HIS A 303 7.83 -8.69 -21.41
N GLY A 304 7.64 -7.50 -21.96
CA GLY A 304 8.63 -6.88 -22.82
C GLY A 304 9.96 -6.61 -22.15
N VAL A 305 9.95 -6.35 -20.85
CA VAL A 305 11.20 -6.09 -20.13
C VAL A 305 11.77 -7.33 -19.45
N GLY A 306 11.17 -8.49 -19.70
CA GLY A 306 11.68 -9.71 -19.12
C GLY A 306 10.97 -10.35 -17.94
N GLN A 307 9.93 -9.71 -17.42
CA GLN A 307 9.23 -10.32 -16.30
C GLN A 307 8.28 -11.36 -16.87
N GLU A 308 8.66 -12.62 -16.70
CA GLU A 308 7.88 -13.75 -17.21
C GLU A 308 6.69 -14.04 -16.30
N ARG A 309 6.94 -13.94 -15.00
CA ARG A 309 5.92 -14.23 -13.99
C ARG A 309 5.27 -12.98 -13.40
N LEU A 310 3.96 -12.91 -13.53
CA LEU A 310 3.18 -11.80 -12.98
C LEU A 310 2.53 -12.33 -11.70
N PRO A 311 2.29 -11.46 -10.72
CA PRO A 311 1.66 -11.94 -9.48
C PRO A 311 0.36 -12.66 -9.83
N GLY A 312 0.22 -13.89 -9.32
CA GLY A 312 -0.98 -14.67 -9.59
C GLY A 312 -0.77 -15.75 -10.65
N ASP A 313 0.17 -15.53 -11.56
CA ASP A 313 0.43 -16.49 -12.63
C ASP A 313 0.65 -17.92 -12.14
N ARG A 314 1.46 -18.08 -11.09
CA ARG A 314 1.75 -19.41 -10.57
C ARG A 314 0.47 -20.12 -10.14
N ARG A 315 -0.43 -19.38 -9.48
CA ARG A 315 -1.67 -19.97 -9.03
C ARG A 315 -2.62 -20.29 -10.19
N TYR A 316 -2.66 -19.42 -11.19
CA TYR A 316 -3.55 -19.66 -12.33
C TYR A 316 -3.12 -20.89 -13.13
N LEU A 317 -1.81 -21.11 -13.20
CA LEU A 317 -1.30 -22.28 -13.93
C LEU A 317 -1.67 -23.54 -13.17
N GLU A 318 -1.51 -23.51 -11.85
CA GLU A 318 -1.83 -24.66 -11.02
C GLU A 318 -3.34 -24.89 -11.06
N ARG A 319 -4.10 -23.79 -11.04
CA ARG A 319 -5.55 -23.88 -11.08
C ARG A 319 -6.01 -24.63 -12.33
N ALA A 320 -5.43 -24.28 -13.48
CA ALA A 320 -5.78 -24.93 -14.74
C ALA A 320 -5.51 -26.43 -14.66
N ARG A 321 -4.37 -26.79 -14.09
CA ARG A 321 -4.00 -28.19 -13.96
C ARG A 321 -5.00 -28.92 -13.06
N SER A 322 -5.35 -28.30 -11.94
CA SER A 322 -6.30 -28.91 -11.01
C SER A 322 -7.66 -29.15 -11.65
N MET A 323 -8.12 -28.21 -12.45
CA MET A 323 -9.43 -28.37 -13.10
C MET A 323 -9.38 -29.41 -14.22
N ALA A 324 -8.20 -29.58 -14.82
CA ALA A 324 -8.02 -30.52 -15.93
C ALA A 324 -7.63 -31.94 -15.49
N HIS A 325 -6.87 -32.06 -14.42
CA HIS A 325 -6.42 -33.37 -13.95
C HIS A 325 -6.86 -33.70 -12.53
N GLY A 326 -7.56 -32.76 -11.89
CA GLY A 326 -8.00 -32.98 -10.53
C GLY A 326 -6.96 -32.50 -9.53
N ILE A 327 -7.35 -32.41 -8.27
CA ILE A 327 -6.44 -31.97 -7.22
C ILE A 327 -5.76 -33.18 -6.58
N VAL A 328 -4.45 -33.27 -6.77
CA VAL A 328 -3.69 -34.39 -6.23
C VAL A 328 -3.37 -34.20 -4.74
N ILE A 329 -3.78 -35.17 -3.94
CA ILE A 329 -3.55 -35.12 -2.50
C ILE A 329 -3.04 -36.47 -1.99
N ALA A 330 -2.09 -36.43 -1.06
CA ALA A 330 -1.53 -37.64 -0.49
C ALA A 330 -2.67 -38.48 0.08
N GLN A 331 -2.72 -39.75 -0.31
CA GLN A 331 -3.76 -40.65 0.16
C GLN A 331 -3.94 -40.51 1.67
N ALA A 332 -2.84 -40.34 2.37
CA ALA A 332 -2.85 -40.18 3.82
C ALA A 332 -3.79 -39.05 4.24
N ASP A 333 -3.59 -37.88 3.65
CA ASP A 333 -4.42 -36.72 3.97
C ASP A 333 -5.89 -36.92 3.63
N LEU A 334 -6.15 -37.53 2.47
CA LEU A 334 -7.52 -37.77 2.05
C LEU A 334 -8.25 -38.65 3.04
N GLU A 335 -7.58 -39.72 3.48
CA GLU A 335 -8.17 -40.65 4.43
C GLU A 335 -8.57 -39.95 5.72
N ARG A 336 -7.68 -39.14 6.27
CA ARG A 336 -8.00 -38.43 7.51
C ARG A 336 -9.10 -37.38 7.32
N LEU A 337 -9.16 -36.77 6.13
CA LEU A 337 -10.22 -35.80 5.86
C LEU A 337 -11.55 -36.53 5.85
N GLN A 338 -11.55 -37.72 5.24
CA GLN A 338 -12.75 -38.53 5.17
C GLN A 338 -13.18 -38.99 6.55
N GLU A 339 -12.20 -39.27 7.41
CA GLU A 339 -12.48 -39.69 8.77
C GLU A 339 -13.08 -38.52 9.54
N LEU A 340 -12.51 -37.33 9.36
CA LEU A 340 -13.01 -36.13 10.03
C LEU A 340 -14.43 -35.87 9.56
N ALA A 341 -14.70 -36.22 8.31
CA ALA A 341 -16.02 -36.07 7.72
C ALA A 341 -16.93 -37.17 8.23
N ASP B 7 34.64 24.80 2.41
CA ASP B 7 33.23 24.44 2.71
C ASP B 7 32.26 25.58 2.41
N GLN B 8 31.04 25.20 2.03
CA GLN B 8 30.00 26.16 1.68
C GLN B 8 29.38 26.84 2.91
N PRO B 9 29.58 28.16 3.04
CA PRO B 9 29.01 28.91 4.18
C PRO B 9 27.49 28.92 4.08
N THR B 10 26.82 28.70 5.20
CA THR B 10 25.36 28.67 5.20
C THR B 10 24.71 29.92 5.78
N GLN B 11 23.41 30.03 5.56
CA GLN B 11 22.63 31.15 6.04
C GLN B 11 21.25 30.61 6.41
N THR B 12 20.42 31.45 7.04
CA THR B 12 19.09 31.01 7.43
C THR B 12 18.01 31.93 6.90
N VAL B 13 16.89 31.34 6.49
CA VAL B 13 15.76 32.10 5.98
C VAL B 13 14.52 31.58 6.70
N SER B 14 13.61 32.47 7.05
CA SER B 14 12.40 32.04 7.74
C SER B 14 11.52 31.30 6.75
N TYR B 15 10.58 30.52 7.27
CA TYR B 15 9.66 29.76 6.43
C TYR B 15 8.89 30.71 5.51
N PRO B 16 8.23 31.74 6.08
CA PRO B 16 7.47 32.67 5.23
C PRO B 16 8.33 33.41 4.21
N GLN B 17 9.59 33.70 4.56
CA GLN B 17 10.49 34.38 3.65
C GLN B 17 10.77 33.47 2.46
N LEU B 18 10.99 32.19 2.74
CA LEU B 18 11.27 31.24 1.68
C LEU B 18 10.06 31.09 0.77
N ILE B 19 8.86 31.09 1.37
CA ILE B 19 7.65 30.96 0.58
C ILE B 19 7.53 32.15 -0.38
N ASP B 20 7.76 33.36 0.13
CA ASP B 20 7.66 34.55 -0.72
C ASP B 20 8.68 34.51 -1.84
N LEU B 21 9.90 34.07 -1.53
CA LEU B 21 10.95 34.00 -2.53
C LEU B 21 10.58 33.04 -3.64
N LEU B 22 10.12 31.85 -3.27
CA LEU B 22 9.75 30.86 -4.27
C LEU B 22 8.52 31.29 -5.07
N ARG B 23 7.57 31.95 -4.42
CA ARG B 23 6.38 32.41 -5.13
C ARG B 23 6.79 33.36 -6.25
N ARG B 24 7.70 34.28 -5.93
CA ARG B 24 8.18 35.24 -6.92
C ARG B 24 8.85 34.51 -8.08
N ILE B 25 9.69 33.53 -7.75
CA ILE B 25 10.39 32.77 -8.78
C ILE B 25 9.40 32.14 -9.76
N PHE B 26 8.39 31.46 -9.24
CA PHE B 26 7.40 30.81 -10.11
C PHE B 26 6.65 31.81 -10.97
N VAL B 27 6.19 32.91 -10.38
CA VAL B 27 5.46 33.92 -11.13
C VAL B 27 6.34 34.51 -12.24
N VAL B 28 7.57 34.88 -11.90
CA VAL B 28 8.49 35.46 -12.88
C VAL B 28 8.76 34.48 -14.01
N HIS B 29 8.76 33.18 -13.70
CA HIS B 29 9.03 32.19 -14.73
C HIS B 29 7.82 31.59 -15.43
N GLY B 30 6.69 32.28 -15.37
CA GLY B 30 5.53 31.81 -16.10
C GLY B 30 4.36 31.06 -15.49
N THR B 31 4.28 30.91 -14.17
CA THR B 31 3.13 30.20 -13.63
C THR B 31 2.06 31.21 -13.23
N SER B 32 0.83 30.74 -13.11
CA SER B 32 -0.27 31.60 -12.68
C SER B 32 -0.03 31.87 -11.20
N PRO B 33 -0.72 32.86 -10.62
CA PRO B 33 -0.49 33.11 -9.20
C PRO B 33 -0.96 31.97 -8.31
N GLU B 34 -2.02 31.28 -8.73
CA GLU B 34 -2.54 30.15 -7.96
C GLU B 34 -1.52 29.04 -7.92
N VAL B 35 -0.91 28.75 -9.07
CA VAL B 35 0.11 27.71 -9.15
C VAL B 35 1.33 28.11 -8.32
N ALA B 36 1.73 29.37 -8.43
CA ALA B 36 2.88 29.85 -7.68
C ALA B 36 2.63 29.69 -6.18
N ASP B 37 1.45 30.10 -5.72
CA ASP B 37 1.12 30.00 -4.30
C ASP B 37 1.23 28.55 -3.82
N VAL B 38 0.64 27.63 -4.59
CA VAL B 38 0.66 26.22 -4.22
C VAL B 38 2.06 25.61 -4.22
N LEU B 39 2.80 25.79 -5.30
CA LEU B 39 4.13 25.23 -5.40
C LEU B 39 5.14 25.86 -4.44
N ALA B 40 5.02 27.17 -4.21
CA ALA B 40 5.94 27.85 -3.30
C ALA B 40 5.78 27.28 -1.89
N GLU B 41 4.54 27.17 -1.42
CA GLU B 41 4.29 26.63 -0.09
C GLU B 41 4.76 25.18 0.02
N ASN B 42 4.48 24.42 -1.04
CA ASN B 42 4.85 23.02 -1.08
C ASN B 42 6.36 22.80 -1.00
N CYS B 43 7.09 23.48 -1.89
CA CYS B 43 8.54 23.36 -1.94
C CYS B 43 9.18 23.87 -0.64
N ALA B 44 8.69 24.99 -0.13
CA ALA B 44 9.22 25.56 1.10
C ALA B 44 8.94 24.62 2.27
N SER B 45 7.77 23.98 2.26
CA SER B 45 7.39 23.07 3.34
C SER B 45 8.31 21.86 3.35
N ALA B 46 8.71 21.41 2.16
CA ALA B 46 9.61 20.26 2.05
C ALA B 46 10.97 20.65 2.62
N GLN B 47 11.43 21.85 2.28
CA GLN B 47 12.73 22.32 2.78
C GLN B 47 12.68 22.47 4.29
N ARG B 48 11.57 23.00 4.79
CA ARG B 48 11.35 23.21 6.22
C ARG B 48 11.42 21.91 7.00
N ASP B 49 10.85 20.85 6.41
CA ASP B 49 10.82 19.52 7.03
C ASP B 49 12.06 18.67 6.79
N GLY B 50 13.05 19.21 6.07
CA GLY B 50 14.27 18.47 5.82
C GLY B 50 14.16 17.43 4.72
N SER B 51 13.13 17.54 3.87
CA SER B 51 12.95 16.61 2.75
C SER B 51 13.79 17.20 1.62
N HIS B 52 15.09 17.28 1.85
CA HIS B 52 16.03 17.86 0.90
C HIS B 52 15.86 17.53 -0.57
N SER B 53 15.64 16.27 -0.92
CA SER B 53 15.51 15.94 -2.34
C SER B 53 14.35 16.67 -3.01
N HIS B 54 13.31 16.98 -2.26
CA HIS B 54 12.16 17.66 -2.87
C HIS B 54 11.93 19.07 -2.37
N GLY B 55 12.99 19.68 -1.84
CA GLY B 55 12.94 21.05 -1.38
C GLY B 55 13.45 21.95 -2.49
N ILE B 56 14.23 22.98 -2.16
CA ILE B 56 14.73 23.90 -3.17
C ILE B 56 15.63 23.25 -4.23
N PHE B 57 16.06 22.03 -3.97
CA PHE B 57 16.89 21.30 -4.92
C PHE B 57 16.13 21.16 -6.25
N ARG B 58 14.81 21.19 -6.18
CA ARG B 58 13.95 21.03 -7.37
C ARG B 58 13.70 22.28 -8.18
N ILE B 59 14.07 23.45 -7.67
CA ILE B 59 13.80 24.67 -8.40
C ILE B 59 14.35 24.68 -9.82
N PRO B 60 15.63 24.35 -10.01
CA PRO B 60 16.16 24.35 -11.38
C PRO B 60 15.35 23.48 -12.33
N GLY B 61 14.96 22.30 -11.86
CA GLY B 61 14.18 21.37 -12.66
C GLY B 61 12.79 21.89 -12.96
N TYR B 62 12.18 22.57 -11.99
CA TYR B 62 10.88 23.15 -12.19
C TYR B 62 10.98 24.18 -13.32
N LEU B 63 11.97 25.05 -13.23
CA LEU B 63 12.16 26.10 -14.21
C LEU B 63 12.53 25.66 -15.62
N SER B 64 13.41 24.67 -15.73
CA SER B 64 13.79 24.20 -17.07
C SER B 64 12.61 23.48 -17.71
N SER B 65 11.78 22.85 -16.90
CA SER B 65 10.61 22.15 -17.41
C SER B 65 9.60 23.17 -17.92
N LEU B 66 9.46 24.29 -17.19
CA LEU B 66 8.54 25.34 -17.58
C LEU B 66 9.04 26.05 -18.85
N ALA B 67 10.33 26.36 -18.88
CA ALA B 67 10.94 27.05 -20.01
C ALA B 67 10.84 26.28 -21.32
N SER B 68 10.89 24.95 -21.23
CA SER B 68 10.83 24.09 -22.41
C SER B 68 9.41 23.92 -22.94
N GLY B 69 8.43 24.37 -22.16
CA GLY B 69 7.04 24.22 -22.57
C GLY B 69 6.50 22.83 -22.28
N TRP B 70 7.29 22.02 -21.60
CA TRP B 70 6.92 20.65 -21.24
C TRP B 70 5.72 20.64 -20.31
N VAL B 71 5.71 21.54 -19.34
CA VAL B 71 4.62 21.63 -18.39
C VAL B 71 4.00 23.03 -18.45
N ASP B 72 2.67 23.10 -18.35
CA ASP B 72 1.94 24.35 -18.41
C ASP B 72 1.71 24.95 -17.02
N GLY B 73 2.51 25.96 -16.69
CA GLY B 73 2.40 26.60 -15.38
C GLY B 73 1.15 27.43 -15.17
N LYS B 74 0.32 27.59 -16.21
CA LYS B 74 -0.90 28.35 -16.07
C LYS B 74 -2.14 27.54 -16.40
N ALA B 75 -1.97 26.22 -16.38
CA ALA B 75 -3.07 25.32 -16.66
C ALA B 75 -4.16 25.49 -15.61
N VAL B 76 -5.42 25.41 -16.04
CA VAL B 76 -6.54 25.52 -15.12
C VAL B 76 -7.14 24.13 -15.01
N PRO B 77 -7.02 23.51 -13.83
CA PRO B 77 -7.56 22.16 -13.64
C PRO B 77 -9.07 22.08 -13.93
N VAL B 78 -9.49 20.96 -14.49
CA VAL B 78 -10.91 20.73 -14.79
C VAL B 78 -11.37 19.70 -13.76
N VAL B 79 -12.22 20.12 -12.83
CA VAL B 79 -12.71 19.22 -11.79
C VAL B 79 -13.98 18.52 -12.27
N GLU B 80 -13.94 17.19 -12.30
CA GLU B 80 -15.06 16.40 -12.78
C GLU B 80 -15.74 15.59 -11.66
N ASP B 81 -16.95 15.98 -11.30
CA ASP B 81 -17.73 15.31 -10.27
C ASP B 81 -18.40 14.14 -10.99
N VAL B 82 -17.79 12.96 -10.91
CA VAL B 82 -18.32 11.80 -11.63
C VAL B 82 -19.08 10.75 -10.82
N GLY B 83 -19.16 10.95 -9.51
CA GLY B 83 -19.87 10.00 -8.67
C GLY B 83 -20.01 10.54 -7.26
N ALA B 84 -20.96 10.00 -6.49
CA ALA B 84 -21.17 10.47 -5.13
C ALA B 84 -19.87 10.44 -4.33
N ALA B 85 -19.01 9.50 -4.65
CA ALA B 85 -17.73 9.37 -3.94
C ALA B 85 -16.55 9.33 -4.91
N PHE B 86 -16.68 9.95 -6.07
CA PHE B 86 -15.61 9.91 -7.06
C PHE B 86 -15.41 11.24 -7.77
N VAL B 87 -14.18 11.73 -7.75
CA VAL B 87 -13.83 12.99 -8.41
C VAL B 87 -12.62 12.73 -9.29
N ARG B 88 -12.65 13.25 -10.52
CA ARG B 88 -11.52 13.14 -11.42
C ARG B 88 -11.11 14.57 -11.71
N VAL B 89 -9.82 14.76 -12.01
CA VAL B 89 -9.37 16.10 -12.35
C VAL B 89 -8.42 16.00 -13.52
N ASP B 90 -8.71 16.77 -14.56
CA ASP B 90 -7.84 16.81 -15.73
C ASP B 90 -6.87 17.93 -15.38
N ALA B 91 -5.62 17.58 -15.11
CA ALA B 91 -4.62 18.58 -14.74
C ALA B 91 -4.18 19.42 -15.93
N CYS B 92 -4.66 19.05 -17.12
CA CYS B 92 -4.36 19.77 -18.36
C CYS B 92 -2.88 20.11 -18.56
N ASN B 93 -2.03 19.09 -18.40
CA ASN B 93 -0.58 19.21 -18.57
C ASN B 93 0.06 20.18 -17.59
N GLY B 94 -0.59 20.40 -16.46
CA GLY B 94 -0.07 21.27 -15.44
C GLY B 94 0.36 20.45 -14.24
N PHE B 95 0.73 21.12 -13.16
CA PHE B 95 1.18 20.42 -11.96
C PHE B 95 0.06 19.73 -11.21
N ALA B 96 0.43 18.69 -10.46
CA ALA B 96 -0.53 17.90 -9.69
C ALA B 96 -1.11 18.65 -8.50
N GLN B 97 -0.26 19.38 -7.77
CA GLN B 97 -0.72 20.10 -6.58
C GLN B 97 -1.85 21.10 -6.81
N PRO B 98 -1.77 21.91 -7.88
CA PRO B 98 -2.86 22.88 -8.12
C PRO B 98 -4.16 22.13 -8.44
N ALA B 99 -4.03 20.96 -9.06
CA ALA B 99 -5.19 20.15 -9.41
C ALA B 99 -5.84 19.59 -8.15
N LEU B 100 -5.00 19.13 -7.23
CA LEU B 100 -5.50 18.60 -5.96
C LEU B 100 -6.19 19.71 -5.19
N ALA B 101 -5.57 20.89 -5.18
CA ALA B 101 -6.14 22.03 -4.47
C ALA B 101 -7.52 22.43 -5.02
N ALA B 102 -7.66 22.35 -6.34
CA ALA B 102 -8.92 22.72 -6.99
C ALA B 102 -10.07 21.79 -6.61
N ALA B 103 -9.76 20.52 -6.36
CA ALA B 103 -10.79 19.54 -6.03
C ALA B 103 -10.88 19.17 -4.55
N ARG B 104 -10.01 19.73 -3.73
CA ARG B 104 -9.96 19.41 -2.30
C ARG B 104 -11.27 19.55 -1.53
N SER B 105 -11.91 20.71 -1.62
CA SER B 105 -13.17 20.92 -0.90
C SER B 105 -14.24 19.92 -1.32
N LEU B 106 -14.38 19.69 -2.61
CA LEU B 106 -15.36 18.73 -3.11
C LEU B 106 -15.04 17.33 -2.61
N LEU B 107 -13.76 16.96 -2.65
CA LEU B 107 -13.34 15.65 -2.20
C LEU B 107 -13.66 15.41 -0.73
N ILE B 108 -13.40 16.42 0.10
CA ILE B 108 -13.67 16.32 1.53
C ILE B 108 -15.17 16.21 1.79
N ASP B 109 -15.96 16.98 1.07
CA ASP B 109 -17.42 16.92 1.24
C ASP B 109 -17.91 15.52 0.93
N LYS B 110 -17.41 14.94 -0.15
CA LYS B 110 -17.81 13.59 -0.54
C LYS B 110 -17.34 12.55 0.48
N ALA B 111 -16.11 12.68 0.97
CA ALA B 111 -15.59 11.73 1.94
C ALA B 111 -16.39 11.74 3.23
N ARG B 112 -16.72 12.93 3.72
CA ARG B 112 -17.50 13.04 4.95
C ARG B 112 -18.93 12.57 4.75
N SER B 113 -19.49 12.85 3.58
CA SER B 113 -20.86 12.46 3.29
C SER B 113 -21.01 10.98 2.97
N ALA B 114 -20.23 10.51 2.00
CA ALA B 114 -20.30 9.11 1.59
C ALA B 114 -19.52 8.16 2.49
N GLY B 115 -18.51 8.68 3.17
CA GLY B 115 -17.70 7.86 4.05
C GLY B 115 -16.29 7.69 3.50
N VAL B 116 -16.20 7.71 2.18
CA VAL B 116 -14.92 7.58 1.49
C VAL B 116 -15.09 8.21 0.11
N ALA B 117 -14.00 8.74 -0.43
CA ALA B 117 -14.06 9.36 -1.74
C ALA B 117 -12.71 9.23 -2.42
N ILE B 118 -12.72 9.14 -3.74
CA ILE B 118 -11.50 9.01 -4.50
C ILE B 118 -11.27 10.23 -5.39
N LEU B 119 -10.01 10.60 -5.55
CA LEU B 119 -9.63 11.71 -6.44
C LEU B 119 -8.63 11.10 -7.40
N ALA B 120 -8.95 11.15 -8.69
CA ALA B 120 -8.09 10.59 -9.73
C ALA B 120 -7.62 11.73 -10.62
N ILE B 121 -6.36 12.13 -10.43
CA ILE B 121 -5.77 13.21 -11.21
C ILE B 121 -5.05 12.62 -12.41
N ARG B 122 -5.31 13.17 -13.60
CA ARG B 122 -4.64 12.69 -14.81
C ARG B 122 -3.99 13.84 -15.54
N GLY B 123 -2.95 13.53 -16.33
CA GLY B 123 -2.25 14.54 -17.11
C GLY B 123 -1.50 15.55 -16.25
N SER B 124 -1.05 15.11 -15.09
CA SER B 124 -0.36 15.98 -14.13
C SER B 124 1.14 15.77 -13.99
N HIS B 125 1.82 16.81 -13.51
CA HIS B 125 3.27 16.78 -13.26
C HIS B 125 3.49 16.92 -11.77
N HIS B 126 4.07 15.90 -11.15
CA HIS B 126 4.34 15.92 -9.72
C HIS B 126 5.85 15.85 -9.51
N PHE B 127 6.41 16.91 -8.95
CA PHE B 127 7.86 17.03 -8.74
C PHE B 127 8.15 17.30 -7.27
N ALA B 128 7.38 16.67 -6.38
CA ALA B 128 7.55 16.91 -4.96
C ALA B 128 7.33 15.69 -4.08
N ALA B 129 7.43 15.90 -2.77
CA ALA B 129 7.20 14.83 -1.81
C ALA B 129 5.70 14.59 -1.80
N LEU B 130 5.26 13.43 -1.32
CA LEU B 130 3.83 13.13 -1.28
C LEU B 130 3.17 13.41 0.06
N TRP B 131 3.95 13.46 1.14
CA TRP B 131 3.34 13.71 2.44
C TRP B 131 2.57 15.03 2.49
N PRO B 132 2.99 16.05 1.72
CA PRO B 132 2.24 17.31 1.76
C PRO B 132 0.81 17.13 1.24
N ASP B 133 0.61 16.11 0.41
CA ASP B 133 -0.71 15.86 -0.17
C ASP B 133 -1.67 15.16 0.78
N VAL B 134 -1.15 14.33 1.69
CA VAL B 134 -2.05 13.62 2.62
C VAL B 134 -2.14 14.25 4.01
N GLU B 135 -1.11 14.97 4.42
CA GLU B 135 -1.08 15.60 5.74
C GLU B 135 -2.31 16.45 6.10
N PRO B 136 -2.72 17.37 5.21
CA PRO B 136 -3.89 18.23 5.47
C PRO B 136 -5.18 17.47 5.77
N PHE B 137 -5.37 16.32 5.13
CA PHE B 137 -6.58 15.54 5.36
C PHE B 137 -6.53 14.96 6.77
N ALA B 138 -5.36 14.48 7.18
CA ALA B 138 -5.20 13.90 8.51
C ALA B 138 -5.40 14.98 9.57
N GLU B 139 -4.92 16.19 9.29
CA GLU B 139 -5.09 17.29 10.24
C GLU B 139 -6.57 17.60 10.44
N GLN B 140 -7.39 17.19 9.48
CA GLN B 140 -8.84 17.41 9.54
C GLN B 140 -9.60 16.17 10.03
N GLY B 141 -8.87 15.22 10.62
CA GLY B 141 -9.50 14.02 11.12
C GLY B 141 -9.82 12.94 10.10
N LEU B 142 -9.28 13.06 8.89
CA LEU B 142 -9.54 12.08 7.84
C LEU B 142 -8.29 11.25 7.54
N VAL B 143 -8.52 10.04 7.03
CA VAL B 143 -7.41 9.17 6.66
C VAL B 143 -7.22 9.33 5.17
N ALA B 144 -5.96 9.43 4.73
CA ALA B 144 -5.69 9.60 3.31
C ALA B 144 -4.55 8.70 2.86
N LEU B 145 -4.71 8.13 1.67
CA LEU B 145 -3.72 7.25 1.06
C LEU B 145 -3.52 7.79 -0.36
N SER B 146 -2.27 7.94 -0.77
CA SER B 146 -2.02 8.45 -2.12
C SER B 146 -0.87 7.72 -2.79
N MET B 147 -0.91 7.70 -4.12
CA MET B 147 0.11 7.04 -4.94
C MET B 147 0.38 7.90 -6.17
N VAL B 148 1.63 7.95 -6.60
CA VAL B 148 2.03 8.72 -7.78
C VAL B 148 3.14 7.96 -8.49
N ASN B 149 3.05 7.85 -9.82
CA ASN B 149 4.10 7.17 -10.57
C ASN B 149 4.96 8.27 -11.21
N SER B 150 6.20 7.95 -11.55
CA SER B 150 7.11 8.94 -12.11
C SER B 150 7.57 8.54 -13.50
N MET B 151 8.86 8.71 -13.78
CA MET B 151 9.40 8.30 -15.06
C MET B 151 10.09 6.97 -14.80
N THR B 152 10.29 6.19 -15.86
CA THR B 152 10.93 4.89 -15.74
C THR B 152 12.33 4.92 -15.12
N CYS B 153 12.55 4.08 -14.10
CA CYS B 153 13.85 3.98 -13.47
C CYS B 153 14.00 2.72 -12.60
N VAL B 154 12.92 1.95 -12.45
CA VAL B 154 12.98 0.74 -11.62
C VAL B 154 12.75 -0.56 -12.38
N VAL B 155 13.63 -1.53 -12.12
CA VAL B 155 13.52 -2.83 -12.77
C VAL B 155 12.58 -3.74 -11.99
N PRO B 156 11.47 -4.18 -12.62
CA PRO B 156 10.51 -5.05 -11.93
C PRO B 156 11.22 -6.33 -11.48
N HIS B 157 10.82 -6.88 -10.35
CA HIS B 157 11.45 -8.10 -9.86
C HIS B 157 11.44 -9.19 -10.92
N GLY B 158 12.61 -9.74 -11.23
CA GLY B 158 12.69 -10.80 -12.23
C GLY B 158 12.86 -10.29 -13.65
N ALA B 159 12.80 -8.98 -13.84
CA ALA B 159 12.94 -8.39 -15.17
C ALA B 159 14.40 -8.05 -15.46
N ARG B 160 14.68 -7.69 -16.72
CA ARG B 160 16.04 -7.36 -17.15
C ARG B 160 16.23 -5.88 -17.45
N GLN B 161 15.13 -5.16 -17.65
CA GLN B 161 15.19 -3.73 -17.96
C GLN B 161 14.23 -2.93 -17.09
N PRO B 162 14.52 -1.63 -16.88
CA PRO B 162 13.62 -0.82 -16.05
C PRO B 162 12.28 -0.59 -16.72
N LEU B 163 11.25 -0.31 -15.92
CA LEU B 163 9.92 -0.05 -16.46
C LEU B 163 9.11 0.81 -15.50
N PHE B 164 9.07 0.42 -14.23
CA PHE B 164 8.31 1.18 -13.24
C PHE B 164 9.03 2.46 -12.85
N GLY B 165 8.27 3.39 -12.28
CA GLY B 165 8.85 4.63 -11.80
C GLY B 165 9.27 4.37 -10.36
N THR B 166 9.80 5.40 -9.69
CA THR B 166 10.23 5.24 -8.30
C THR B 166 8.98 5.10 -7.41
N ASN B 167 7.84 5.39 -8.02
CA ASN B 167 6.48 5.24 -7.47
C ASN B 167 6.23 5.23 -5.97
N PRO B 168 6.15 6.40 -5.34
CA PRO B 168 5.92 6.49 -3.90
C PRO B 168 4.47 6.29 -3.46
N ILE B 169 4.31 5.93 -2.18
CA ILE B 169 3.01 5.74 -1.57
C ILE B 169 3.06 6.55 -0.27
N ALA B 170 2.02 7.32 0.01
CA ALA B 170 1.98 8.10 1.24
C ALA B 170 0.69 7.80 1.98
N PHE B 171 0.74 7.88 3.31
CA PHE B 171 -0.41 7.59 4.14
C PHE B 171 -0.46 8.57 5.30
N GLY B 172 -1.65 9.09 5.59
CA GLY B 172 -1.80 10.03 6.69
C GLY B 172 -3.02 9.70 7.53
N ALA B 173 -2.87 9.73 8.84
CA ALA B 173 -3.98 9.40 9.72
C ALA B 173 -3.93 10.26 10.98
N PRO B 174 -5.10 10.67 11.49
CA PRO B 174 -5.14 11.49 12.71
C PRO B 174 -4.88 10.68 13.98
N ARG B 175 -4.40 11.36 15.02
CA ARG B 175 -4.16 10.75 16.33
C ARG B 175 -4.58 11.79 17.35
N ALA B 176 -5.30 11.35 18.37
CA ALA B 176 -5.81 12.23 19.40
C ALA B 176 -4.79 13.04 20.18
N GLY B 177 -3.60 12.49 20.40
CA GLY B 177 -2.60 13.19 21.18
C GLY B 177 -1.43 13.87 20.48
N GLY B 178 -1.57 14.22 19.21
CA GLY B 178 -0.48 14.87 18.53
C GLY B 178 -0.65 15.06 17.04
N GLU B 179 0.46 15.33 16.36
CA GLU B 179 0.47 15.53 14.92
C GLU B 179 0.05 14.25 14.21
N PRO B 180 -0.48 14.38 12.99
CA PRO B 180 -0.92 13.21 12.23
C PRO B 180 0.17 12.17 12.00
N ILE B 181 -0.22 10.90 11.99
CA ILE B 181 0.73 9.82 11.75
C ILE B 181 0.85 9.82 10.24
N VAL B 182 2.05 10.04 9.71
CA VAL B 182 2.23 10.11 8.27
C VAL B 182 3.50 9.43 7.78
N PHE B 183 3.37 8.64 6.72
CA PHE B 183 4.55 8.03 6.12
C PHE B 183 4.49 8.33 4.63
N ASP B 184 5.66 8.38 4.01
CA ASP B 184 5.77 8.70 2.60
C ASP B 184 7.03 7.99 2.13
N LEU B 185 6.85 6.94 1.35
CA LEU B 185 7.99 6.15 0.89
C LEU B 185 7.96 5.80 -0.59
N ALA B 186 9.13 5.81 -1.21
CA ALA B 186 9.25 5.42 -2.61
C ALA B 186 9.21 3.90 -2.59
N THR B 187 8.68 3.29 -3.64
CA THR B 187 8.65 1.83 -3.67
C THR B 187 9.98 1.29 -4.20
N SER B 188 10.86 2.19 -4.62
CA SER B 188 12.19 1.78 -5.06
C SER B 188 13.04 1.74 -3.78
N ALA B 189 14.09 0.93 -3.78
CA ALA B 189 14.96 0.80 -2.61
C ALA B 189 15.23 2.19 -2.02
N ILE B 190 15.69 3.09 -2.87
CA ILE B 190 15.91 4.47 -2.47
C ILE B 190 15.19 5.35 -3.48
N ALA B 191 14.76 6.52 -3.04
CA ALA B 191 14.06 7.43 -3.92
C ALA B 191 15.00 7.89 -5.02
N HIS B 192 14.48 8.00 -6.24
CA HIS B 192 15.29 8.44 -7.37
C HIS B 192 15.97 9.77 -7.04
N GLY B 193 15.26 10.63 -6.31
CA GLY B 193 15.81 11.92 -5.94
C GLY B 193 17.13 11.78 -5.20
N ASP B 194 17.23 10.74 -4.38
CA ASP B 194 18.45 10.46 -3.61
C ASP B 194 19.65 10.27 -4.54
N VAL B 195 19.42 9.61 -5.67
CA VAL B 195 20.47 9.35 -6.62
C VAL B 195 20.98 10.67 -7.22
N GLN B 196 20.05 11.56 -7.56
CA GLN B 196 20.41 12.86 -8.12
C GLN B 196 21.22 13.68 -7.12
N ILE B 197 20.81 13.66 -5.86
CA ILE B 197 21.52 14.41 -4.81
C ILE B 197 22.96 13.91 -4.70
N ALA B 198 23.13 12.60 -4.67
CA ALA B 198 24.46 12.00 -4.56
C ALA B 198 25.32 12.37 -5.76
N ALA B 199 24.73 12.34 -6.94
CA ALA B 199 25.46 12.68 -8.15
C ALA B 199 25.91 14.14 -8.08
N ARG B 200 25.04 14.98 -7.53
CA ARG B 200 25.33 16.41 -7.39
C ARG B 200 26.45 16.63 -6.38
N GLU B 201 26.36 15.97 -5.23
CA GLU B 201 27.36 16.09 -4.18
C GLU B 201 28.61 15.27 -4.46
N GLY B 202 28.63 14.61 -5.62
CA GLY B 202 29.78 13.80 -5.99
C GLY B 202 30.13 12.68 -5.02
N ARG B 203 29.12 12.05 -4.44
CA ARG B 203 29.38 10.96 -3.51
C ARG B 203 28.74 9.66 -3.95
N LEU B 204 29.10 8.56 -3.28
CA LEU B 204 28.56 7.26 -3.62
C LEU B 204 27.29 6.95 -2.83
N LEU B 205 26.55 5.97 -3.31
CA LEU B 205 25.31 5.55 -2.66
C LEU B 205 25.55 4.26 -1.91
N PRO B 206 24.65 3.92 -0.97
CA PRO B 206 24.83 2.67 -0.21
C PRO B 206 24.68 1.58 -1.28
N ALA B 207 25.28 0.43 -1.06
CA ALA B 207 25.19 -0.66 -2.04
C ALA B 207 23.85 -1.38 -1.94
N GLY B 208 23.55 -2.16 -2.99
CA GLY B 208 22.32 -2.94 -3.02
C GLY B 208 21.06 -2.17 -3.32
N MET B 209 21.19 -0.98 -3.91
CA MET B 209 20.02 -0.17 -4.23
C MET B 209 19.79 -0.02 -5.73
N GLY B 210 20.85 -0.19 -6.52
CA GLY B 210 20.70 -0.04 -7.96
C GLY B 210 21.74 -0.79 -8.76
N VAL B 211 21.62 -0.71 -10.09
CA VAL B 211 22.55 -1.38 -11.01
C VAL B 211 22.89 -0.47 -12.17
N ASP B 212 23.96 -0.80 -12.89
CA ASP B 212 24.38 0.00 -14.04
C ASP B 212 23.69 -0.48 -15.31
N ARG B 213 24.06 0.11 -16.45
CA ARG B 213 23.46 -0.23 -17.73
C ARG B 213 23.58 -1.72 -18.07
N ASP B 214 24.55 -2.40 -17.46
CA ASP B 214 24.76 -3.82 -17.72
C ASP B 214 24.07 -4.73 -16.72
N GLY B 215 23.32 -4.13 -15.80
CA GLY B 215 22.60 -4.92 -14.80
C GLY B 215 23.47 -5.37 -13.64
N LEU B 216 24.66 -4.80 -13.54
CA LEU B 216 25.59 -5.15 -12.47
C LEU B 216 25.44 -4.19 -11.29
N PRO B 217 25.67 -4.69 -10.06
CA PRO B 217 25.56 -3.86 -8.86
C PRO B 217 26.46 -2.64 -8.94
N THR B 218 25.98 -1.51 -8.43
CA THR B 218 26.77 -0.29 -8.44
C THR B 218 26.36 0.64 -7.30
N GLN B 219 27.28 1.53 -6.94
CA GLN B 219 27.05 2.49 -5.89
C GLN B 219 27.26 3.90 -6.45
N GLU B 220 27.55 3.96 -7.76
CA GLU B 220 27.77 5.24 -8.42
C GLU B 220 26.46 5.78 -8.99
N PRO B 221 25.97 6.89 -8.41
CA PRO B 221 24.72 7.50 -8.87
C PRO B 221 24.68 7.76 -10.37
N ARG B 222 25.81 8.17 -10.94
CA ARG B 222 25.89 8.45 -12.36
C ARG B 222 25.64 7.18 -13.19
N ALA B 223 26.13 6.04 -12.68
CA ALA B 223 25.95 4.76 -13.37
C ALA B 223 24.47 4.38 -13.41
N ILE B 224 23.75 4.73 -12.35
CA ILE B 224 22.32 4.43 -12.27
C ILE B 224 21.54 5.37 -13.18
N LEU B 225 21.88 6.65 -13.12
CA LEU B 225 21.21 7.68 -13.92
C LEU B 225 21.46 7.53 -15.42
N ASP B 226 22.65 7.07 -15.79
CA ASP B 226 23.00 6.92 -17.20
C ASP B 226 22.85 5.50 -17.73
N GLY B 227 21.61 5.08 -17.97
CA GLY B 227 21.37 3.75 -18.51
C GLY B 227 21.14 2.64 -17.50
N GLY B 228 21.36 2.95 -16.22
CA GLY B 228 21.16 1.96 -15.17
C GLY B 228 19.74 1.99 -14.63
N ALA B 229 19.54 1.44 -13.44
CA ALA B 229 18.22 1.42 -12.84
C ALA B 229 18.25 1.17 -11.34
N LEU B 230 17.11 1.39 -10.70
CA LEU B 230 16.98 1.18 -9.27
C LEU B 230 16.25 -0.13 -9.02
N LEU B 231 16.43 -0.69 -7.84
CA LEU B 231 15.78 -1.95 -7.49
C LEU B 231 14.57 -1.69 -6.60
N PRO B 232 13.54 -2.55 -6.71
CA PRO B 232 12.35 -2.35 -5.88
C PRO B 232 12.70 -2.70 -4.43
N PHE B 233 12.14 -1.96 -3.48
CA PHE B 233 12.44 -2.19 -2.08
C PHE B 233 11.90 -3.52 -1.58
N GLY B 234 12.66 -4.14 -0.67
CA GLY B 234 12.23 -5.40 -0.10
C GLY B 234 12.20 -6.61 -1.03
N GLY B 235 12.43 -6.40 -2.32
CA GLY B 235 12.40 -7.52 -3.23
C GLY B 235 11.10 -7.63 -4.01
N HIS B 236 10.61 -8.86 -4.19
CA HIS B 236 9.38 -9.07 -4.96
C HIS B 236 8.16 -8.33 -4.42
N LYS B 237 8.07 -8.18 -3.11
CA LYS B 237 6.91 -7.50 -2.53
C LYS B 237 6.90 -6.01 -2.90
N GLY B 238 8.06 -5.37 -2.87
CA GLY B 238 8.13 -3.97 -3.22
C GLY B 238 7.80 -3.78 -4.69
N SER B 239 8.17 -4.79 -5.49
CA SER B 239 7.90 -4.75 -6.92
C SER B 239 6.40 -4.83 -7.17
N ALA B 240 5.72 -5.67 -6.41
CA ALA B 240 4.28 -5.82 -6.55
C ALA B 240 3.59 -4.50 -6.20
N LEU B 241 4.10 -3.83 -5.15
CA LEU B 241 3.52 -2.56 -4.72
C LEU B 241 3.79 -1.48 -5.78
N SER B 242 4.95 -1.55 -6.44
CA SER B 242 5.28 -0.59 -7.48
C SER B 242 4.34 -0.78 -8.68
N MET B 243 4.04 -2.03 -8.99
CA MET B 243 3.12 -2.33 -10.08
C MET B 243 1.76 -1.74 -9.73
N MET B 244 1.39 -1.88 -8.46
CA MET B 244 0.12 -1.34 -7.99
C MET B 244 0.08 0.16 -8.21
N VAL B 245 1.18 0.86 -7.89
CA VAL B 245 1.20 2.30 -8.08
C VAL B 245 0.99 2.67 -9.54
N GLU B 246 1.62 1.94 -10.48
CA GLU B 246 1.42 2.23 -11.90
C GLU B 246 -0.07 2.09 -12.23
N LEU B 247 -0.68 0.99 -11.79
CA LEU B 247 -2.08 0.72 -12.06
C LEU B 247 -3.04 1.73 -11.42
N LEU B 248 -2.70 2.22 -10.24
CA LEU B 248 -3.58 3.17 -9.56
C LEU B 248 -3.37 4.63 -9.91
N ALA B 249 -2.11 5.07 -9.98
CA ALA B 249 -1.84 6.46 -10.28
C ALA B 249 -1.97 6.79 -11.76
N ALA B 250 -1.85 5.79 -12.62
CA ALA B 250 -1.94 5.99 -14.06
C ALA B 250 -3.05 5.17 -14.73
N GLY B 251 -3.02 3.86 -14.53
CA GLY B 251 -4.02 3.00 -15.14
C GLY B 251 -5.44 3.40 -14.83
N LEU B 252 -5.72 3.69 -13.56
CA LEU B 252 -7.05 4.06 -13.14
C LEU B 252 -7.40 5.52 -13.42
N THR B 253 -6.43 6.42 -13.28
CA THR B 253 -6.66 7.84 -13.49
C THR B 253 -6.77 8.27 -14.95
N GLY B 254 -6.03 7.59 -15.82
CA GLY B 254 -6.05 7.95 -17.23
C GLY B 254 -4.74 8.60 -17.60
N GLY B 255 -3.87 8.79 -16.61
CA GLY B 255 -2.58 9.40 -16.87
C GLY B 255 -1.61 8.39 -17.46
N ASN B 256 -0.47 8.87 -17.95
CA ASN B 256 0.54 7.99 -18.54
C ASN B 256 1.22 7.08 -17.53
N PHE B 257 1.52 5.84 -17.93
CA PHE B 257 2.28 4.96 -17.06
C PHE B 257 3.66 5.63 -17.08
N SER B 258 4.58 5.19 -16.22
CA SER B 258 5.90 5.81 -16.15
C SER B 258 6.72 5.76 -17.44
N PHE B 259 6.42 4.80 -18.30
CA PHE B 259 7.15 4.64 -19.57
C PHE B 259 6.38 5.19 -20.78
N GLU B 260 5.25 5.85 -20.52
CA GLU B 260 4.44 6.35 -21.63
C GLU B 260 4.54 7.84 -22.00
N PHE B 261 5.68 8.45 -21.75
CA PHE B 261 5.87 9.84 -22.12
C PHE B 261 7.34 10.00 -22.49
N ASP B 262 7.60 10.95 -23.38
CA ASP B 262 8.97 11.20 -23.83
C ASP B 262 9.21 12.70 -23.87
N TRP B 263 10.24 13.14 -23.16
CA TRP B 263 10.56 14.56 -23.14
C TRP B 263 11.81 14.88 -23.94
N SER B 264 12.21 13.94 -24.80
CA SER B 264 13.40 14.12 -25.63
C SER B 264 13.27 15.33 -26.55
N LYS B 265 12.03 15.73 -26.83
CA LYS B 265 11.79 16.88 -27.71
C LYS B 265 11.73 18.19 -26.92
N HIS B 266 11.84 18.10 -25.60
CA HIS B 266 11.79 19.29 -24.75
C HIS B 266 13.03 19.41 -23.87
N PRO B 267 14.13 19.94 -24.44
CA PRO B 267 15.38 20.10 -23.67
C PRO B 267 15.11 20.79 -22.34
N GLY B 268 15.51 20.15 -21.25
CA GLY B 268 15.30 20.73 -19.93
C GLY B 268 14.14 20.11 -19.17
N ALA B 269 13.27 19.38 -19.87
CA ALA B 269 12.13 18.73 -19.23
C ALA B 269 12.60 17.71 -18.20
N GLN B 270 12.00 17.74 -17.01
CA GLN B 270 12.37 16.83 -15.93
C GLN B 270 11.17 16.32 -15.12
N THR B 271 10.00 16.90 -15.33
CA THR B 271 8.82 16.49 -14.58
C THR B 271 8.06 15.35 -15.24
N PRO B 272 7.75 14.29 -14.48
CA PRO B 272 7.00 13.17 -15.06
C PRO B 272 5.59 13.65 -15.41
N TRP B 273 5.10 13.25 -16.57
CA TRP B 273 3.74 13.63 -16.99
C TRP B 273 2.92 12.36 -16.84
N THR B 274 2.33 12.20 -15.66
CA THR B 274 1.56 10.99 -15.33
C THR B 274 0.22 11.30 -14.68
N GLY B 275 0.08 10.91 -13.41
CA GLY B 275 -1.15 11.16 -12.68
C GLY B 275 -1.00 10.92 -11.20
N GLN B 276 -2.10 10.99 -10.46
CA GLN B 276 -2.05 10.79 -9.01
C GLN B 276 -3.40 10.30 -8.49
N LEU B 277 -3.36 9.33 -7.58
CA LEU B 277 -4.59 8.82 -6.98
C LEU B 277 -4.57 9.16 -5.50
N LEU B 278 -5.73 9.56 -4.99
CA LEU B 278 -5.83 9.91 -3.58
C LEU B 278 -7.14 9.31 -3.07
N ILE B 279 -7.07 8.60 -1.96
CA ILE B 279 -8.26 8.00 -1.35
C ILE B 279 -8.38 8.64 0.03
N VAL B 280 -9.53 9.26 0.30
CA VAL B 280 -9.77 9.93 1.56
C VAL B 280 -10.92 9.23 2.27
N ILE B 281 -10.74 8.92 3.55
CA ILE B 281 -11.73 8.18 4.32
C ILE B 281 -12.10 8.82 5.65
N ASP B 282 -13.39 8.77 6.00
CA ASP B 282 -13.82 9.23 7.32
C ASP B 282 -13.78 7.92 8.08
N PRO B 283 -12.73 7.71 8.89
CA PRO B 283 -12.59 6.48 9.66
C PRO B 283 -13.69 6.17 10.66
N ASP B 284 -14.45 7.19 11.05
CA ASP B 284 -15.53 6.99 12.01
C ASP B 284 -16.94 6.95 11.39
N LYS B 285 -17.02 6.89 10.06
CA LYS B 285 -18.34 6.85 9.42
C LYS B 285 -19.17 5.70 9.97
N GLY B 286 -20.27 6.04 10.64
CA GLY B 286 -21.15 5.03 11.20
C GLY B 286 -20.50 4.16 12.28
N ALA B 287 -19.41 4.65 12.86
CA ALA B 287 -18.66 3.92 13.87
C ALA B 287 -19.16 4.13 15.31
N GLY B 288 -18.88 3.15 16.16
CA GLY B 288 -19.27 3.24 17.56
C GLY B 288 -18.04 3.46 18.42
N GLN B 289 -17.00 4.00 17.80
CA GLN B 289 -15.74 4.29 18.48
C GLN B 289 -15.08 5.47 17.79
N HIS B 290 -13.92 5.88 18.30
CA HIS B 290 -13.19 6.99 17.70
C HIS B 290 -11.83 6.54 17.23
N PHE B 291 -11.64 6.59 15.91
CA PHE B 291 -10.38 6.20 15.32
C PHE B 291 -9.18 6.89 15.95
N ALA B 292 -9.29 8.20 16.14
CA ALA B 292 -8.19 8.98 16.72
C ALA B 292 -7.73 8.47 18.07
N GLN B 293 -8.63 7.82 18.81
CA GLN B 293 -8.29 7.25 20.11
C GLN B 293 -7.54 5.96 19.89
N ARG B 294 -7.97 5.18 18.91
CA ARG B 294 -7.34 3.90 18.60
C ARG B 294 -5.91 4.14 18.12
N SER B 295 -5.73 5.10 17.22
CA SER B 295 -4.39 5.38 16.69
C SER B 295 -3.46 5.89 17.78
N GLU B 296 -3.99 6.67 18.71
CA GLU B 296 -3.17 7.19 19.80
C GLU B 296 -2.69 6.02 20.65
N GLU B 297 -3.56 5.02 20.85
CA GLU B 297 -3.19 3.84 21.64
C GLU B 297 -2.09 3.07 20.91
N LEU B 298 -2.18 3.01 19.59
CA LEU B 298 -1.16 2.31 18.81
C LEU B 298 0.17 3.02 19.00
N VAL B 299 0.14 4.35 18.98
CA VAL B 299 1.37 5.11 19.17
C VAL B 299 1.95 4.81 20.54
N ARG B 300 1.08 4.78 21.55
CA ARG B 300 1.52 4.51 22.91
C ARG B 300 2.17 3.13 23.01
N GLN B 301 1.57 2.15 22.35
CA GLN B 301 2.08 0.79 22.37
C GLN B 301 3.41 0.71 21.62
N LEU B 302 3.54 1.51 20.56
CA LEU B 302 4.79 1.53 19.79
C LEU B 302 5.92 2.04 20.68
N HIS B 303 5.66 3.09 21.44
CA HIS B 303 6.69 3.62 22.32
C HIS B 303 7.01 2.55 23.37
N GLY B 304 5.96 1.85 23.80
CA GLY B 304 6.12 0.81 24.80
C GLY B 304 7.05 -0.33 24.40
N VAL B 305 7.05 -0.70 23.13
CA VAL B 305 7.92 -1.78 22.67
C VAL B 305 9.27 -1.28 22.18
N GLY B 306 9.51 0.02 22.32
CA GLY B 306 10.80 0.54 21.93
C GLY B 306 10.92 1.35 20.65
N GLN B 307 9.83 1.56 19.92
CA GLN B 307 9.97 2.37 18.72
C GLN B 307 9.87 3.83 19.11
N GLU B 308 11.03 4.46 19.29
CA GLU B 308 11.11 5.85 19.68
C GLU B 308 10.78 6.74 18.49
N ARG B 309 11.19 6.30 17.30
CA ARG B 309 10.96 7.04 16.07
C ARG B 309 9.89 6.43 15.16
N LEU B 310 8.74 7.08 15.11
CA LEU B 310 7.65 6.63 14.26
C LEU B 310 7.74 7.39 12.94
N PRO B 311 7.13 6.84 11.87
CA PRO B 311 7.17 7.53 10.58
C PRO B 311 6.65 8.94 10.74
N GLY B 312 7.41 9.92 10.26
CA GLY B 312 7.00 11.31 10.37
C GLY B 312 7.68 12.10 11.48
N ASP B 313 8.07 11.42 12.56
CA ASP B 313 8.73 12.09 13.68
C ASP B 313 9.94 12.91 13.27
N ARG B 314 10.78 12.34 12.42
CA ARG B 314 11.98 13.02 11.96
C ARG B 314 11.62 14.34 11.31
N ARG B 315 10.61 14.33 10.43
CA ARG B 315 10.18 15.56 9.77
C ARG B 315 9.63 16.57 10.76
N TYR B 316 8.82 16.11 11.71
CA TYR B 316 8.27 17.04 12.68
C TYR B 316 9.38 17.67 13.51
N LEU B 317 10.46 16.93 13.73
CA LEU B 317 11.60 17.46 14.50
C LEU B 317 12.31 18.53 13.68
N GLU B 318 12.51 18.26 12.39
CA GLU B 318 13.16 19.21 11.51
C GLU B 318 12.28 20.45 11.36
N ARG B 319 10.98 20.24 11.28
CA ARG B 319 10.03 21.34 11.15
C ARG B 319 10.15 22.24 12.37
N ALA B 320 10.21 21.64 13.56
CA ALA B 320 10.33 22.40 14.79
C ALA B 320 11.62 23.21 14.79
N ARG B 321 12.72 22.58 14.36
CA ARG B 321 14.01 23.25 14.32
C ARG B 321 14.01 24.41 13.33
N SER B 322 13.35 24.21 12.18
CA SER B 322 13.27 25.23 11.15
C SER B 322 12.47 26.45 11.63
N MET B 323 11.42 26.21 12.41
CA MET B 323 10.60 27.30 12.89
C MET B 323 11.29 28.04 14.04
N ALA B 324 12.14 27.32 14.77
CA ALA B 324 12.85 27.91 15.90
C ALA B 324 14.13 28.63 15.49
N HIS B 325 14.92 28.02 14.63
CA HIS B 325 16.19 28.62 14.21
C HIS B 325 16.21 29.10 12.76
N GLY B 326 15.13 28.83 12.04
CA GLY B 326 15.08 29.23 10.64
C GLY B 326 15.55 28.11 9.74
N ILE B 327 15.27 28.22 8.45
CA ILE B 327 15.66 27.19 7.50
C ILE B 327 17.08 27.40 7.00
N VAL B 328 17.93 26.39 7.21
CA VAL B 328 19.32 26.46 6.80
C VAL B 328 19.44 26.29 5.29
N ILE B 329 20.20 27.19 4.66
CA ILE B 329 20.39 27.15 3.23
C ILE B 329 21.80 27.64 2.87
N ALA B 330 22.43 26.98 1.89
CA ALA B 330 23.77 27.37 1.47
C ALA B 330 23.70 28.79 0.93
N GLN B 331 24.69 29.61 1.27
CA GLN B 331 24.72 30.99 0.81
C GLN B 331 24.57 31.06 -0.71
N ALA B 332 25.30 30.19 -1.42
CA ALA B 332 25.26 30.17 -2.87
C ALA B 332 23.87 29.86 -3.42
N ASP B 333 23.15 28.97 -2.75
CA ASP B 333 21.80 28.61 -3.18
C ASP B 333 20.82 29.73 -2.92
N LEU B 334 20.97 30.41 -1.79
CA LEU B 334 20.08 31.52 -1.46
C LEU B 334 20.28 32.64 -2.48
N GLU B 335 21.54 32.92 -2.81
CA GLU B 335 21.85 33.96 -3.78
C GLU B 335 21.24 33.64 -5.14
N ARG B 336 21.33 32.38 -5.55
CA ARG B 336 20.78 31.95 -6.83
C ARG B 336 19.26 32.12 -6.84
N LEU B 337 18.61 31.79 -5.72
CA LEU B 337 17.16 31.93 -5.62
C LEU B 337 16.79 33.41 -5.65
N GLN B 338 17.58 34.24 -4.98
CA GLN B 338 17.30 35.66 -4.94
C GLN B 338 17.42 36.24 -6.34
N GLU B 339 18.44 35.82 -7.08
CA GLU B 339 18.63 36.29 -8.45
C GLU B 339 17.47 35.85 -9.33
N LEU B 340 17.04 34.60 -9.16
CA LEU B 340 15.93 34.08 -9.95
C LEU B 340 14.64 34.85 -9.66
N ALA B 341 14.51 35.35 -8.43
CA ALA B 341 13.33 36.10 -8.04
C ALA B 341 13.38 37.52 -8.58
N GLY B 342 14.58 37.96 -8.97
CA GLY B 342 14.75 39.30 -9.50
C GLY B 342 15.49 40.24 -8.57
N HIS B 343 15.83 39.78 -7.37
CA HIS B 343 16.53 40.61 -6.40
C HIS B 343 17.93 40.92 -6.89
PA NDP C . 5.10 -14.36 -0.95
O1A NDP C . 6.28 -13.81 -0.25
O2A NDP C . 5.18 -15.66 -1.68
O5B NDP C . 4.19 -13.70 -2.30
C5B NDP C . 3.86 -12.42 -2.12
C4B NDP C . 3.11 -12.44 -3.52
O4B NDP C . 4.34 -12.12 -4.30
C3B NDP C . 2.06 -12.88 -4.45
O3B NDP C . 1.24 -11.83 -4.84
C2B NDP C . 2.99 -13.52 -5.47
O2B NDP C . 2.43 -14.09 -6.59
C1B NDP C . 4.08 -12.43 -5.68
N9A NDP C . 5.39 -12.96 -6.17
C8A NDP C . 6.18 -13.91 -5.50
N7A NDP C . 7.29 -14.22 -6.14
C5A NDP C . 7.24 -13.48 -7.27
C6A NDP C . 8.14 -13.36 -8.38
N6A NDP C . 9.28 -14.07 -8.44
N1A NDP C . 7.80 -12.49 -9.41
C2A NDP C . 6.62 -11.76 -9.36
N3A NDP C . 5.70 -11.79 -8.34
C4A NDP C . 6.07 -12.68 -7.32
O3 NDP C . 3.85 -14.53 0.05
PN NDP C . 3.83 -14.16 1.65
O1N NDP C . 3.99 -12.84 1.83
O2N NDP C . 4.57 -15.15 2.18
O5D NDP C . 2.14 -14.66 1.74
C5D NDP C . 1.44 -15.96 1.64
C4D NDP C . 0.31 -15.59 2.44
O4D NDP C . -0.26 -15.93 3.72
C3D NDP C . -0.77 -14.70 1.76
O3D NDP C . -1.67 -15.42 0.92
C2D NDP C . -1.41 -14.02 2.92
O2D NDP C . -2.67 -13.48 2.66
C1D NDP C . -1.35 -15.08 3.99
N1N NDP C . -1.29 -14.48 5.34
C2N NDP C . -2.53 -14.49 6.01
C3N NDP C . -2.66 -13.95 7.29
C7N NDP C . -3.98 -13.96 8.01
O7N NDP C . -5.03 -14.37 7.45
N7N NDP C . -4.00 -13.50 9.27
C4N NDP C . -1.47 -13.37 7.91
C5N NDP C . -0.21 -13.36 7.22
C6N NDP C . -0.12 -13.91 5.92
P2B NDP C . 1.89 -15.35 -6.48
O1X NDP C . 0.63 -15.57 -5.55
O2X NDP C . 1.52 -15.89 -7.96
O3X NDP C . 2.92 -16.47 -5.97
PA NDP D . 12.64 7.17 3.30
O1A NDP D . 13.33 5.93 2.85
O2A NDP D . 13.37 8.18 4.10
O5B NDP D . 11.28 7.33 4.38
C5B NDP D . 10.27 6.52 4.07
C4B NDP D . 9.48 7.16 5.29
O4B NDP D . 10.06 6.20 6.25
C3B NDP D . 8.89 8.27 6.04
O3B NDP D . 7.53 8.05 6.28
C2B NDP D . 9.87 8.24 7.20
O2B NDP D . 9.70 9.14 8.22
C1B NDP D . 9.92 6.72 7.57
N9A NDP D . 11.17 6.29 8.25
C8A NDP D . 12.48 6.48 7.76
N7A NDP D . 13.42 6.00 8.53
C5A NDP D . 12.73 5.47 9.57
C6A NDP D . 13.17 4.79 10.76
N6A NDP D . 14.47 4.58 11.00
N1A NDP D . 12.19 4.35 11.65
C2A NDP D . 10.85 4.55 11.40
N3A NDP D . 10.34 5.19 10.30
C4A NDP D . 11.33 5.63 9.43
O3 NDP D . 12.06 7.98 2.06
PN NDP D . 12.20 7.58 0.48
O1N NDP D . 11.54 6.43 0.22
O2N NDP D . 13.49 7.85 0.26
O5D NDP D . 11.27 9.03 0.03
C5D NDP D . 11.57 10.46 0.11
C4D NDP D . 10.65 10.87 -0.91
O4D NDP D . 10.68 11.42 -2.23
C3D NDP D . 9.15 10.95 -0.50
O3D NDP D . 8.82 12.15 0.19
C2D NDP D . 8.45 10.77 -1.81
O2D NDP D . 7.12 11.19 -1.82
C1D NDP D . 9.38 11.46 -2.77
N1N NDP D . 9.29 10.87 -4.10
C2N NDP D . 8.54 11.63 -5.01
C3N NDP D . 8.35 11.20 -6.33
C7N NDP D . 7.53 11.99 -7.33
O7N NDP D . 6.96 13.06 -6.99
N7N NDP D . 7.44 11.51 -8.57
C4N NDP D . 8.96 9.95 -6.72
C5N NDP D . 9.73 9.17 -5.78
C6N NDP D . 9.89 9.64 -4.47
P2B NDP D . 10.32 10.37 8.12
O1X NDP D . 10.10 11.27 6.85
O2X NDP D . 9.92 11.25 9.44
O3X NDP D . 11.92 10.31 8.25
#